data_6TQL
#
_entry.id   6TQL
#
_cell.length_a   1.00
_cell.length_b   1.00
_cell.length_c   1.00
_cell.angle_alpha   90.00
_cell.angle_beta   90.00
_cell.angle_gamma   90.00
#
_symmetry.space_group_name_H-M   'P 1'
#
loop_
_entity.id
_entity.type
_entity.pdbx_description
1 polymer Uromodulin
2 branched 2-acetamido-2-deoxy-beta-D-glucopyranose-(1-4)-2-acetamido-2-deoxy-beta-D-glucopyranose
3 branched beta-D-galactopyranose-(1-4)-2-acetamido-2-deoxy-beta-D-glucopyranose-(1-2)-[2-acetamido-2-deoxy-beta-D-glucopyranose-(1-4)]alpha-D-mannopyranose-(1-6)-[2-acetamido-2-deoxy-beta-D-glucopyranose-(1-2)-[2-acetamido-2-deoxy-beta-D-glucopyranose-(1-4)]alpha-D-mannopyranose-(1-3)]beta-D-mannopyranose-(1-4)-2-acetamido-2-deoxy-beta-D-glucopyranose-(1-4)-2-acetamido-2-deoxy-beta-D-glucopyranose
4 branched 2-acetamido-2-deoxy-beta-D-glucopyranose-(1-2)-[2-acetamido-2-deoxy-beta-D-glucopyranose-(1-4)]alpha-D-mannopyranose-(1-3)-[2-acetamido-2-deoxy-beta-D-glucopyranose-(1-4)-alpha-D-mannopyranose-(1-6)]beta-D-mannopyranose-(1-4)-2-acetamido-2-deoxy-beta-D-glucopyranose-(1-4)-2-acetamido-2-deoxy-beta-D-glucopyranose
5 non-polymer 2-acetamido-2-deoxy-beta-D-glucopyranose
#
_entity_poly.entity_id   1
_entity_poly.type   'polypeptide(L)'
_entity_poly.pdbx_seq_one_letter_code
;SVEGTCEECSIDEDCKSNNGRWHCQCKQDFNITDISLLEHRLECGANDMKVSLGKCQLKSLGFDKVFMYLSDSRCSGFND
RDNRDWVSVVTPARDGPCGTVLTRNETHATYSNTLYLADEIIIRDLNIKINFACSYPLDMKVSLKTALQPMVSALNIRVG
GTGMFTVRMALFQTPSYTQPYQGSSVTLSTEAFLYVGTMLDGGDLSRFALLMTNCYATPSSNATDPLKYFIIQDRCPHTR
DSTIQVVENGESSQGRFSVQMFRFAGNYDLVYLHCEVYLCDTMNEKCKPTCSGTRF
;
_entity_poly.pdbx_strand_id   A,B,C
#
loop_
_chem_comp.id
_chem_comp.type
_chem_comp.name
_chem_comp.formula
BMA D-saccharide, beta linking beta-D-mannopyranose 'C6 H12 O6'
GAL D-saccharide, beta linking beta-D-galactopyranose 'C6 H12 O6'
MAN D-saccharide, alpha linking alpha-D-mannopyranose 'C6 H12 O6'
NAG D-saccharide, beta linking 2-acetamido-2-deoxy-beta-D-glucopyranose 'C8 H15 N O6'
#
# COMPACT_ATOMS: atom_id res chain seq x y z
N SER A 1 -46.46 15.40 39.12
CA SER A 1 -46.57 16.66 39.84
C SER A 1 -47.77 17.47 39.32
N VAL A 2 -48.41 18.22 40.22
CA VAL A 2 -49.56 19.04 39.85
C VAL A 2 -49.15 20.34 39.18
N GLU A 3 -47.86 20.57 38.95
CA GLU A 3 -47.37 21.79 38.33
C GLU A 3 -46.79 21.53 36.95
N GLY A 4 -45.83 20.62 36.84
CA GLY A 4 -45.17 20.39 35.57
C GLY A 4 -46.05 19.64 34.59
N THR A 5 -45.90 19.98 33.31
CA THR A 5 -46.63 19.33 32.24
C THR A 5 -45.94 18.03 31.86
N CYS A 6 -46.29 17.49 30.69
CA CYS A 6 -45.77 16.20 30.24
C CYS A 6 -44.26 16.09 30.37
N GLU A 7 -43.54 17.21 30.21
CA GLU A 7 -42.09 17.16 30.37
C GLU A 7 -41.68 16.79 31.79
N GLU A 8 -42.57 16.98 32.76
CA GLU A 8 -42.25 16.63 34.14
C GLU A 8 -41.95 15.15 34.27
N CYS A 9 -42.73 14.31 33.61
CA CYS A 9 -42.55 12.87 33.64
C CYS A 9 -41.76 12.42 32.41
N SER A 10 -41.20 11.21 32.50
CA SER A 10 -40.31 10.72 31.45
C SER A 10 -41.04 10.60 30.12
N ILE A 11 -40.33 10.92 29.04
CA ILE A 11 -40.93 10.89 27.71
C ILE A 11 -41.27 9.46 27.30
N ASP A 12 -40.43 8.51 27.70
CA ASP A 12 -40.64 7.12 27.28
C ASP A 12 -41.99 6.59 27.76
N GLU A 13 -42.35 6.89 29.01
CA GLU A 13 -43.64 6.52 29.55
C GLU A 13 -44.67 7.59 29.19
N ASP A 14 -45.83 7.16 28.69
CA ASP A 14 -46.84 8.09 28.24
C ASP A 14 -47.34 8.95 29.40
N CYS A 15 -47.60 10.22 29.11
CA CYS A 15 -48.08 11.19 30.10
C CYS A 15 -49.59 11.35 29.93
N LYS A 16 -50.35 10.82 30.88
CA LYS A 16 -51.80 10.89 30.82
C LYS A 16 -52.29 12.24 31.31
N SER A 17 -53.30 12.77 30.65
CA SER A 17 -53.83 14.10 30.97
C SER A 17 -55.34 14.07 30.96
N ASN A 18 -55.93 14.55 32.05
CA ASN A 18 -57.38 14.72 32.15
C ASN A 18 -57.67 15.82 33.16
N ASN A 19 -58.88 16.38 33.06
CA ASN A 19 -59.25 17.49 33.93
C ASN A 19 -59.36 17.02 35.38
N GLY A 20 -58.64 17.68 36.27
CA GLY A 20 -58.60 17.29 37.66
C GLY A 20 -57.88 15.98 37.93
N ARG A 21 -57.25 15.39 36.92
CA ARG A 21 -56.61 14.08 37.10
C ARG A 21 -55.53 13.95 36.02
N TRP A 22 -54.27 14.16 36.41
CA TRP A 22 -53.12 14.01 35.53
C TRP A 22 -52.18 12.97 36.12
N HIS A 23 -51.51 12.22 35.23
CA HIS A 23 -50.57 11.19 35.65
C HIS A 23 -49.82 10.71 34.41
N CYS A 24 -48.87 9.81 34.62
CA CYS A 24 -48.13 9.20 33.53
C CYS A 24 -47.90 7.73 33.83
N GLN A 25 -48.10 6.89 32.81
CA GLN A 25 -47.84 5.47 32.90
C GLN A 25 -47.23 5.03 31.57
N CYS A 26 -47.15 3.73 31.35
CA CYS A 26 -46.51 3.14 30.19
C CYS A 26 -47.54 2.39 29.36
N LYS A 27 -47.07 1.75 28.29
CA LYS A 27 -47.91 1.12 27.28
C LYS A 27 -47.52 -0.35 27.14
N GLN A 28 -48.05 -0.99 26.10
CA GLN A 28 -47.73 -2.39 25.84
C GLN A 28 -46.24 -2.62 25.63
N ASP A 29 -45.50 -1.56 25.28
CA ASP A 29 -44.06 -1.72 25.11
C ASP A 29 -43.40 -2.21 26.39
N PHE A 30 -43.75 -1.61 27.54
CA PHE A 30 -43.26 -2.04 28.85
C PHE A 30 -44.49 -2.26 29.74
N ASN A 31 -45.10 -3.44 29.61
CA ASN A 31 -46.28 -3.78 30.41
C ASN A 31 -46.29 -5.20 30.94
N ILE A 32 -45.56 -6.14 30.34
CA ILE A 32 -45.70 -7.55 30.66
C ILE A 32 -44.73 -7.93 31.77
N THR A 33 -44.99 -9.08 32.39
CA THR A 33 -44.24 -9.55 33.55
C THR A 33 -43.09 -10.48 33.21
N ASP A 34 -43.39 -11.56 32.47
CA ASP A 34 -42.36 -12.58 32.22
C ASP A 34 -41.18 -12.00 31.46
N ILE A 35 -41.45 -11.32 30.34
CA ILE A 35 -40.36 -10.71 29.58
C ILE A 35 -39.69 -9.64 30.42
N SER A 36 -40.46 -8.93 31.24
CA SER A 36 -39.87 -7.96 32.15
C SER A 36 -38.90 -8.64 33.12
N LEU A 37 -39.28 -9.81 33.66
CA LEU A 37 -38.34 -10.58 34.45
C LEU A 37 -37.11 -10.95 33.63
N LEU A 38 -37.31 -11.27 32.36
CA LEU A 38 -36.19 -11.55 31.46
C LEU A 38 -35.57 -10.29 30.86
N GLU A 39 -36.19 -9.12 31.05
CA GLU A 39 -35.69 -7.89 30.47
C GLU A 39 -34.62 -7.26 31.36
N HIS A 40 -33.59 -6.71 30.72
CA HIS A 40 -32.51 -6.03 31.40
C HIS A 40 -31.57 -5.45 30.33
N ARG A 41 -30.60 -4.68 30.77
CA ARG A 41 -29.55 -4.17 29.90
C ARG A 41 -28.29 -3.94 30.72
N LEU A 42 -27.14 -4.09 30.07
CA LEU A 42 -25.85 -4.00 30.74
C LEU A 42 -24.91 -3.13 29.90
N GLU A 43 -23.94 -2.52 30.58
CA GLU A 43 -22.93 -1.70 29.92
C GLU A 43 -21.59 -1.93 30.60
N CYS A 44 -20.60 -2.37 29.82
CA CYS A 44 -19.26 -2.60 30.32
C CYS A 44 -18.40 -1.38 29.97
N GLY A 45 -17.98 -0.64 30.99
CA GLY A 45 -17.17 0.54 30.80
C GLY A 45 -15.69 0.27 30.98
N ALA A 46 -14.89 1.27 30.63
CA ALA A 46 -13.44 1.15 30.75
C ALA A 46 -13.02 0.98 32.21
N ASN A 47 -13.62 1.75 33.10
CA ASN A 47 -13.29 1.71 34.52
C ASN A 47 -14.47 1.35 35.41
N ASP A 48 -15.67 1.21 34.86
CA ASP A 48 -16.85 0.91 35.66
C ASP A 48 -17.80 0.03 34.85
N MET A 49 -18.66 -0.68 35.56
CA MET A 49 -19.68 -1.53 34.96
C MET A 49 -21.04 -1.09 35.46
N LYS A 50 -22.00 -1.03 34.54
CA LYS A 50 -23.35 -0.55 34.84
C LYS A 50 -24.37 -1.58 34.40
N VAL A 51 -25.36 -1.81 35.26
CA VAL A 51 -26.52 -2.64 34.96
C VAL A 51 -27.76 -1.88 35.36
N SER A 52 -28.77 -1.90 34.48
CA SER A 52 -29.98 -1.13 34.71
C SER A 52 -31.20 -1.91 34.22
N LEU A 53 -32.35 -1.61 34.82
CA LEU A 53 -33.62 -2.16 34.41
C LEU A 53 -34.66 -1.04 34.38
N GLY A 54 -35.66 -1.22 33.52
CA GLY A 54 -36.70 -0.21 33.38
C GLY A 54 -37.48 0.00 34.66
N LYS A 55 -37.51 1.24 35.14
CA LYS A 55 -38.23 1.53 36.37
C LYS A 55 -39.72 1.25 36.21
N CYS A 56 -40.28 1.53 35.03
CA CYS A 56 -41.68 1.23 34.79
C CYS A 56 -41.94 -0.27 34.88
N GLN A 57 -40.98 -1.08 34.44
CA GLN A 57 -41.12 -2.53 34.61
C GLN A 57 -41.21 -2.90 36.09
N LEU A 58 -40.35 -2.29 36.92
CA LEU A 58 -40.40 -2.56 38.35
C LEU A 58 -41.74 -2.14 38.94
N LYS A 59 -42.24 -0.96 38.55
CA LYS A 59 -43.52 -0.51 39.08
C LYS A 59 -44.65 -1.44 38.65
N SER A 60 -44.63 -1.90 37.40
CA SER A 60 -45.68 -2.80 36.91
C SER A 60 -45.59 -4.17 37.58
N LEU A 61 -44.40 -4.60 37.94
CA LEU A 61 -44.22 -5.88 38.64
C LEU A 61 -44.60 -5.81 40.11
N GLY A 62 -45.16 -4.68 40.57
CA GLY A 62 -45.55 -4.52 41.96
C GLY A 62 -44.45 -4.00 42.86
N PHE A 63 -43.24 -3.81 42.34
CA PHE A 63 -42.12 -3.33 43.15
C PHE A 63 -42.11 -1.81 43.10
N ASP A 64 -42.99 -1.21 43.91
CA ASP A 64 -43.06 0.25 43.98
C ASP A 64 -41.74 0.84 44.48
N LYS A 65 -41.15 0.21 45.49
CA LYS A 65 -39.82 0.57 45.98
C LYS A 65 -38.84 -0.50 45.56
N VAL A 66 -37.69 -0.08 45.02
CA VAL A 66 -36.69 -0.99 44.47
C VAL A 66 -35.48 -0.97 45.37
N PHE A 67 -35.02 -2.16 45.76
CA PHE A 67 -33.81 -2.34 46.58
C PHE A 67 -32.83 -3.16 45.78
N MET A 68 -31.76 -2.53 45.32
CA MET A 68 -30.71 -3.18 44.54
C MET A 68 -29.44 -3.26 45.38
N TYR A 69 -28.95 -4.47 45.58
CA TYR A 69 -27.76 -4.72 46.38
C TYR A 69 -26.88 -5.74 45.67
N LEU A 70 -25.60 -5.70 45.99
CA LEU A 70 -24.60 -6.59 45.41
C LEU A 70 -23.99 -7.44 46.53
N SER A 71 -22.94 -8.18 46.18
CA SER A 71 -22.26 -9.03 47.16
C SER A 71 -21.76 -8.21 48.34
N ASP A 72 -21.49 -6.92 48.13
CA ASP A 72 -21.12 -6.00 49.19
C ASP A 72 -22.23 -4.98 49.36
N SER A 73 -22.75 -4.85 50.58
CA SER A 73 -23.90 -4.00 50.82
C SER A 73 -23.56 -2.52 50.69
N ARG A 74 -22.28 -2.15 50.76
CA ARG A 74 -21.91 -0.76 50.58
C ARG A 74 -22.31 -0.26 49.19
N CYS A 75 -22.38 -1.15 48.21
CA CYS A 75 -22.86 -0.79 46.89
C CYS A 75 -24.37 -0.82 46.84
N SER A 76 -24.96 0.29 46.40
CA SER A 76 -26.41 0.43 46.37
C SER A 76 -26.83 1.04 45.05
N GLY A 77 -28.02 0.65 44.60
CA GLY A 77 -28.55 1.20 43.37
C GLY A 77 -29.09 2.61 43.54
N PHE A 78 -29.27 3.28 42.41
CA PHE A 78 -29.78 4.65 42.40
C PHE A 78 -30.32 4.96 41.02
N ASN A 79 -30.97 6.12 40.90
CA ASN A 79 -31.56 6.52 39.64
C ASN A 79 -30.49 6.75 38.58
N ASP A 80 -30.87 6.59 37.32
CA ASP A 80 -29.93 6.72 36.23
C ASP A 80 -29.31 8.11 36.18
N ARG A 81 -30.13 9.15 36.35
CA ARG A 81 -29.74 10.55 36.36
C ARG A 81 -29.33 11.07 34.98
N ASP A 82 -29.32 10.22 33.95
CA ASP A 82 -29.08 10.62 32.57
C ASP A 82 -30.31 10.41 31.70
N ASN A 83 -30.88 9.20 31.70
CA ASN A 83 -32.17 8.91 31.11
C ASN A 83 -33.05 8.39 32.23
N ARG A 84 -34.08 9.16 32.58
CA ARG A 84 -34.85 8.90 33.79
C ARG A 84 -35.59 7.57 33.75
N ASP A 85 -35.76 6.98 32.57
CA ASP A 85 -36.48 5.71 32.49
C ASP A 85 -35.77 4.61 33.25
N TRP A 86 -34.44 4.55 33.15
CA TRP A 86 -33.67 3.48 33.75
C TRP A 86 -33.32 3.78 35.20
N VAL A 87 -33.04 2.72 35.95
CA VAL A 87 -32.42 2.79 37.27
C VAL A 87 -31.22 1.86 37.25
N SER A 88 -30.07 2.36 37.70
CA SER A 88 -28.81 1.66 37.48
C SER A 88 -27.91 1.78 38.71
N VAL A 89 -26.92 0.89 38.75
CA VAL A 89 -25.90 0.89 39.78
C VAL A 89 -24.54 0.78 39.10
N VAL A 90 -23.50 1.22 39.80
CA VAL A 90 -22.15 1.28 39.27
C VAL A 90 -21.23 0.42 40.13
N THR A 91 -20.24 -0.20 39.48
CA THR A 91 -19.27 -1.03 40.17
C THR A 91 -17.89 -0.77 39.56
N PRO A 92 -16.87 -0.41 40.35
CA PRO A 92 -15.53 -0.28 39.79
C PRO A 92 -15.02 -1.62 39.26
N ALA A 93 -14.26 -1.56 38.17
CA ALA A 93 -13.76 -2.77 37.51
C ALA A 93 -12.45 -3.21 38.15
N ARG A 94 -12.56 -3.63 39.41
CA ARG A 94 -11.43 -4.16 40.15
C ARG A 94 -11.91 -5.26 41.07
N ASP A 95 -10.97 -5.92 41.74
CA ASP A 95 -11.25 -7.01 42.66
C ASP A 95 -11.10 -6.52 44.09
N GLY A 96 -12.15 -6.70 44.89
CA GLY A 96 -12.12 -6.32 46.28
C GLY A 96 -13.16 -5.28 46.66
N PRO A 97 -13.32 -4.23 45.86
CA PRO A 97 -14.39 -3.26 46.14
C PRO A 97 -15.67 -3.63 45.44
N CYS A 98 -16.78 -3.43 46.16
CA CYS A 98 -18.12 -3.69 45.66
C CYS A 98 -18.39 -5.17 45.46
N GLY A 99 -17.55 -6.04 46.04
CA GLY A 99 -17.79 -7.46 45.99
C GLY A 99 -17.39 -8.15 44.70
N THR A 100 -16.78 -7.43 43.76
CA THR A 100 -16.41 -8.03 42.49
C THR A 100 -15.18 -8.91 42.64
N VAL A 101 -15.12 -9.95 41.82
CA VAL A 101 -14.00 -10.88 41.78
C VAL A 101 -13.37 -10.82 40.39
N LEU A 102 -12.20 -11.44 40.27
CA LEU A 102 -11.44 -11.45 39.02
C LEU A 102 -11.29 -12.90 38.56
N THR A 103 -11.91 -13.22 37.43
CA THR A 103 -11.75 -14.51 36.78
C THR A 103 -10.86 -14.32 35.56
N ARG A 104 -9.73 -15.01 35.55
CA ARG A 104 -8.70 -14.81 34.53
C ARG A 104 -8.33 -16.16 33.91
N ASN A 105 -8.22 -16.16 32.58
CA ASN A 105 -7.68 -17.30 31.85
C ASN A 105 -6.74 -16.76 30.79
N GLU A 106 -6.06 -17.69 30.09
CA GLU A 106 -4.96 -17.30 29.21
C GLU A 106 -5.44 -16.34 28.12
N THR A 107 -6.63 -16.56 27.57
CA THR A 107 -7.10 -15.73 26.46
C THR A 107 -7.31 -14.29 26.91
N HIS A 108 -8.21 -14.07 27.86
CA HIS A 108 -8.45 -12.73 28.38
C HIS A 108 -9.19 -12.82 29.70
N ALA A 109 -9.02 -11.78 30.52
CA ALA A 109 -9.60 -11.74 31.85
C ALA A 109 -11.09 -11.43 31.79
N THR A 110 -11.76 -11.64 32.93
CA THR A 110 -13.18 -11.38 33.04
C THR A 110 -13.49 -11.00 34.49
N TYR A 111 -14.44 -10.09 34.67
CA TYR A 111 -14.89 -9.66 35.99
C TYR A 111 -16.34 -10.10 36.17
N SER A 112 -16.63 -10.71 37.32
CA SER A 112 -17.94 -11.26 37.61
C SER A 112 -18.44 -10.74 38.95
N ASN A 113 -19.74 -10.43 39.01
CA ASN A 113 -20.37 -10.02 40.25
C ASN A 113 -21.86 -10.32 40.15
N THR A 114 -22.51 -10.38 41.31
CA THR A 114 -23.91 -10.73 41.41
C THR A 114 -24.72 -9.54 41.90
N LEU A 115 -25.92 -9.38 41.34
CA LEU A 115 -26.83 -8.32 41.72
C LEU A 115 -28.06 -8.95 42.38
N TYR A 116 -28.46 -8.40 43.52
CA TYR A 116 -29.60 -8.88 44.29
C TYR A 116 -30.75 -7.89 44.13
N LEU A 117 -31.93 -8.41 43.84
CA LEU A 117 -33.14 -7.61 43.62
C LEU A 117 -34.21 -8.02 44.60
N ALA A 118 -34.93 -7.04 45.14
CA ALA A 118 -36.02 -7.30 46.06
C ALA A 118 -36.91 -6.07 46.14
N ASP A 119 -38.15 -6.29 46.59
CA ASP A 119 -39.08 -5.19 46.80
C ASP A 119 -38.86 -4.52 48.14
N GLU A 120 -38.32 -5.24 49.12
CA GLU A 120 -38.08 -4.71 50.45
C GLU A 120 -36.81 -5.35 50.98
N ILE A 121 -36.47 -5.02 52.23
CA ILE A 121 -35.27 -5.59 52.84
C ILE A 121 -35.38 -7.10 52.93
N ILE A 122 -36.55 -7.61 53.33
CA ILE A 122 -36.74 -9.04 53.50
C ILE A 122 -37.29 -9.64 52.20
N ILE A 123 -37.11 -10.94 52.05
CA ILE A 123 -37.60 -11.69 50.91
C ILE A 123 -38.59 -12.72 51.42
N ARG A 124 -39.75 -12.81 50.76
CA ARG A 124 -40.83 -13.69 51.16
C ARG A 124 -41.02 -14.87 50.21
N ASP A 125 -41.15 -14.61 48.91
CA ASP A 125 -41.48 -15.64 47.94
C ASP A 125 -40.32 -15.97 47.01
N LEU A 126 -39.77 -14.97 46.31
CA LEU A 126 -38.73 -15.18 45.31
C LEU A 126 -37.51 -14.35 45.64
N ASN A 127 -36.33 -14.96 45.49
CA ASN A 127 -35.04 -14.31 45.69
C ASN A 127 -34.29 -14.35 44.36
N ILE A 128 -34.52 -13.34 43.53
CA ILE A 128 -33.89 -13.26 42.22
C ILE A 128 -32.57 -12.51 42.36
N LYS A 129 -31.48 -13.20 42.03
CA LYS A 129 -30.15 -12.60 42.00
C LYS A 129 -29.60 -12.70 40.58
N ILE A 130 -29.18 -11.57 40.03
CA ILE A 130 -28.69 -11.51 38.66
C ILE A 130 -27.18 -11.71 38.68
N ASN A 131 -26.72 -12.79 38.04
CA ASN A 131 -25.30 -13.04 37.89
C ASN A 131 -24.83 -12.46 36.56
N PHE A 132 -23.96 -11.46 36.62
CA PHE A 132 -23.49 -10.75 35.46
C PHE A 132 -21.96 -10.67 35.49
N ALA A 133 -21.38 -10.53 34.30
CA ALA A 133 -19.93 -10.43 34.18
C ALA A 133 -19.59 -9.70 32.89
N CYS A 134 -18.49 -8.96 32.92
CA CYS A 134 -17.97 -8.26 31.76
C CYS A 134 -16.63 -8.87 31.35
N SER A 135 -16.46 -9.08 30.05
CA SER A 135 -15.24 -9.65 29.50
C SER A 135 -14.45 -8.55 28.81
N TYR A 136 -13.21 -8.34 29.28
CA TYR A 136 -12.33 -7.33 28.71
C TYR A 136 -11.17 -8.03 28.00
N PRO A 137 -10.98 -7.85 26.69
CA PRO A 137 -9.85 -8.52 26.02
C PRO A 137 -8.52 -8.10 26.62
N LEU A 138 -7.61 -9.08 26.70
CA LEU A 138 -6.28 -8.85 27.25
C LEU A 138 -5.27 -8.46 26.18
N ASP A 139 -5.57 -8.71 24.91
CA ASP A 139 -4.75 -8.28 23.78
C ASP A 139 -5.63 -7.47 22.84
N MET A 140 -5.13 -6.32 22.40
CA MET A 140 -5.91 -5.42 21.57
C MET A 140 -4.98 -4.64 20.65
N LYS A 141 -5.56 -4.12 19.58
CA LYS A 141 -4.82 -3.36 18.57
C LYS A 141 -4.87 -1.87 18.92
N VAL A 142 -3.71 -1.23 18.87
CA VAL A 142 -3.59 0.21 19.12
C VAL A 142 -2.81 0.83 17.98
N SER A 143 -3.30 1.97 17.49
CA SER A 143 -2.70 2.68 16.37
C SER A 143 -2.48 4.12 16.74
N LEU A 144 -1.31 4.66 16.42
CA LEU A 144 -1.01 6.06 16.64
C LEU A 144 -1.68 6.89 15.56
N LYS A 145 -2.50 7.86 15.96
CA LYS A 145 -3.27 8.63 14.99
C LYS A 145 -2.39 9.61 14.23
N THR A 146 -1.46 10.27 14.92
CA THR A 146 -0.64 11.31 14.31
C THR A 146 0.44 10.67 13.44
N ALA A 147 0.40 10.98 12.15
CA ALA A 147 1.43 10.51 11.24
C ALA A 147 2.66 11.38 11.33
N LEU A 148 3.75 10.93 10.69
CA LEU A 148 5.03 11.60 10.72
C LEU A 148 5.51 11.88 9.31
N GLN A 149 6.24 12.98 9.14
CA GLN A 149 6.77 13.40 7.84
C GLN A 149 8.25 13.71 8.01
N PRO A 150 9.10 12.68 8.09
CA PRO A 150 10.53 12.92 8.32
C PRO A 150 11.19 13.63 7.15
N MET A 151 12.25 14.36 7.47
CA MET A 151 13.05 15.09 6.49
C MET A 151 14.40 14.40 6.33
N VAL A 152 14.85 14.27 5.09
CA VAL A 152 16.12 13.64 4.76
C VAL A 152 16.82 14.45 3.69
N SER A 153 18.15 14.52 3.77
CA SER A 153 18.95 15.17 2.75
C SER A 153 19.17 14.19 1.60
N ALA A 154 18.33 14.34 0.57
CA ALA A 154 18.35 13.40 -0.55
C ALA A 154 19.17 13.89 -1.71
N LEU A 155 19.77 12.96 -2.45
CA LEU A 155 20.55 13.32 -3.63
C LEU A 155 19.76 12.82 -4.83
N ASN A 156 19.40 13.72 -5.74
CA ASN A 156 18.65 13.33 -6.92
C ASN A 156 19.52 13.62 -8.12
N ILE A 157 19.74 12.63 -8.98
CA ILE A 157 20.55 12.83 -10.19
C ILE A 157 19.78 12.44 -11.45
N ARG A 158 19.79 13.33 -12.44
CA ARG A 158 19.10 13.05 -13.69
C ARG A 158 19.89 12.05 -14.50
N VAL A 159 19.23 11.10 -15.16
CA VAL A 159 19.91 10.18 -16.06
C VAL A 159 19.10 10.26 -17.34
N GLY A 160 19.77 10.39 -18.48
CA GLY A 160 19.09 10.43 -19.77
C GLY A 160 19.66 9.40 -20.70
N GLY A 161 18.82 8.54 -21.29
CA GLY A 161 19.29 7.54 -22.23
C GLY A 161 18.49 7.64 -23.50
N THR A 162 19.16 7.70 -24.66
CA THR A 162 18.42 7.70 -25.92
C THR A 162 17.86 6.33 -26.09
N GLY A 163 16.69 6.21 -26.72
CA GLY A 163 16.10 4.90 -26.97
C GLY A 163 15.65 4.89 -28.40
N MET A 164 15.27 3.72 -28.91
CA MET A 164 14.73 3.65 -30.26
C MET A 164 13.65 2.59 -30.21
N PHE A 165 12.59 2.76 -30.99
CA PHE A 165 11.53 1.76 -31.05
C PHE A 165 11.83 0.80 -32.18
N THR A 166 11.19 -0.37 -32.18
CA THR A 166 11.35 -1.35 -33.25
C THR A 166 10.18 -1.25 -34.20
N VAL A 167 10.47 -1.09 -35.48
CA VAL A 167 9.44 -0.96 -36.51
C VAL A 167 9.87 -1.76 -37.73
N ARG A 168 8.91 -2.45 -38.35
CA ARG A 168 9.17 -3.26 -39.52
C ARG A 168 7.91 -3.31 -40.37
N MET A 169 8.10 -3.63 -41.64
CA MET A 169 7.00 -3.80 -42.58
C MET A 169 7.18 -5.11 -43.33
N ALA A 170 6.06 -5.67 -43.78
CA ALA A 170 6.05 -6.96 -44.44
C ALA A 170 5.25 -6.88 -45.73
N LEU A 171 5.62 -7.71 -46.69
CA LEU A 171 4.93 -7.81 -47.98
C LEU A 171 4.05 -9.06 -47.95
N PHE A 172 2.74 -8.86 -47.91
CA PHE A 172 1.80 -9.98 -47.93
C PHE A 172 1.32 -10.25 -49.35
N GLN A 173 0.94 -11.50 -49.58
CA GLN A 173 0.46 -11.92 -50.89
C GLN A 173 -1.05 -11.78 -51.03
N THR A 174 -1.80 -12.25 -50.04
CA THR A 174 -3.25 -12.26 -50.10
C THR A 174 -3.82 -10.92 -49.64
N PRO A 175 -5.06 -10.61 -50.05
CA PRO A 175 -5.72 -9.42 -49.49
C PRO A 175 -6.01 -9.52 -48.00
N SER A 176 -5.92 -10.71 -47.42
CA SER A 176 -6.15 -10.91 -46.00
C SER A 176 -4.89 -10.69 -45.17
N TYR A 177 -3.75 -10.43 -45.80
CA TYR A 177 -2.49 -10.14 -45.10
C TYR A 177 -2.11 -11.29 -44.16
N THR A 178 -1.82 -12.44 -44.78
CA THR A 178 -1.59 -13.68 -44.05
C THR A 178 -0.12 -14.07 -43.98
N GLN A 179 0.55 -14.24 -45.12
CA GLN A 179 1.91 -14.77 -45.14
C GLN A 179 2.91 -13.69 -45.54
N PRO A 180 3.87 -13.33 -44.69
CA PRO A 180 4.97 -12.47 -45.15
C PRO A 180 5.94 -13.23 -46.04
N TYR A 181 6.69 -12.46 -46.83
CA TYR A 181 7.80 -13.02 -47.58
C TYR A 181 9.04 -13.14 -46.69
N GLN A 182 10.00 -13.93 -47.17
CA GLN A 182 11.27 -14.11 -46.48
C GLN A 182 12.48 -13.97 -47.39
N GLY A 183 12.34 -14.14 -48.70
CA GLY A 183 13.49 -14.02 -49.58
C GLY A 183 13.97 -12.60 -49.71
N SER A 184 15.26 -12.47 -50.06
CA SER A 184 15.85 -11.15 -50.24
C SER A 184 15.32 -10.43 -51.46
N SER A 185 14.71 -11.16 -52.40
CA SER A 185 14.17 -10.54 -53.61
C SER A 185 12.96 -11.36 -54.08
N VAL A 186 12.08 -10.70 -54.83
CA VAL A 186 10.88 -11.32 -55.35
C VAL A 186 10.67 -10.85 -56.79
N THR A 187 9.87 -11.61 -57.52
CA THR A 187 9.50 -11.29 -58.89
C THR A 187 7.98 -11.24 -58.99
N LEU A 188 7.47 -10.26 -59.74
CA LEU A 188 6.03 -10.05 -59.85
C LEU A 188 5.72 -9.42 -61.21
N SER A 189 4.44 -9.41 -61.55
CA SER A 189 3.94 -8.80 -62.77
C SER A 189 3.13 -7.55 -62.44
N THR A 190 2.87 -6.76 -63.47
CA THR A 190 2.13 -5.51 -63.27
C THR A 190 0.71 -5.79 -62.77
N GLU A 191 0.05 -6.79 -63.35
CA GLU A 191 -1.33 -7.09 -62.96
C GLU A 191 -1.41 -7.56 -61.52
N ALA A 192 -0.31 -8.05 -60.94
CA ALA A 192 -0.33 -8.53 -59.57
C ALA A 192 -0.62 -7.37 -58.61
N PHE A 193 -1.41 -7.65 -57.58
CA PHE A 193 -1.75 -6.67 -56.57
C PHE A 193 -0.77 -6.76 -55.41
N LEU A 194 -0.15 -5.62 -55.08
CA LEU A 194 0.88 -5.57 -54.05
C LEU A 194 0.21 -5.16 -52.73
N TYR A 195 0.03 -6.13 -51.85
CA TYR A 195 -0.55 -5.91 -50.53
C TYR A 195 0.57 -5.81 -49.50
N VAL A 196 0.62 -4.69 -48.77
CA VAL A 196 1.69 -4.43 -47.81
C VAL A 196 1.08 -3.92 -46.52
N GLY A 197 1.66 -4.32 -45.40
CA GLY A 197 1.24 -3.82 -44.10
C GLY A 197 2.44 -3.62 -43.20
N THR A 198 2.25 -2.78 -42.19
CA THR A 198 3.29 -2.45 -41.24
C THR A 198 2.87 -2.86 -39.83
N MET A 199 3.85 -3.22 -39.02
CA MET A 199 3.62 -3.68 -37.66
C MET A 199 4.73 -3.19 -36.75
N LEU A 200 4.42 -3.10 -35.47
CA LEU A 200 5.40 -2.76 -34.44
C LEU A 200 5.71 -4.03 -33.66
N ASP A 201 6.97 -4.47 -33.74
CA ASP A 201 7.39 -5.66 -33.01
C ASP A 201 7.46 -5.43 -31.51
N GLY A 202 7.35 -4.19 -31.07
CA GLY A 202 7.36 -3.89 -29.64
C GLY A 202 6.69 -2.56 -29.36
N GLY A 203 6.36 -2.36 -28.08
CA GLY A 203 5.73 -1.12 -27.67
C GLY A 203 4.35 -0.91 -28.27
N ASP A 204 3.53 -1.96 -28.27
CA ASP A 204 2.19 -1.88 -28.85
C ASP A 204 1.21 -1.26 -27.86
N LEU A 205 1.48 -0.01 -27.50
CA LEU A 205 0.60 0.73 -26.61
C LEU A 205 -0.75 0.97 -27.30
N SER A 206 -1.82 0.84 -26.51
CA SER A 206 -3.16 0.97 -27.07
C SER A 206 -3.41 2.39 -27.58
N ARG A 207 -2.86 3.40 -26.91
CA ARG A 207 -3.13 4.79 -27.27
C ARG A 207 -2.19 5.34 -28.34
N PHE A 208 -1.15 4.59 -28.70
CA PHE A 208 -0.27 5.00 -29.80
C PHE A 208 -0.76 4.35 -31.09
N ALA A 209 -1.15 5.18 -32.05
CA ALA A 209 -1.65 4.73 -33.34
C ALA A 209 -0.60 4.98 -34.42
N LEU A 210 -0.68 4.21 -35.48
CA LEU A 210 0.29 4.26 -36.57
C LEU A 210 -0.32 5.07 -37.72
N LEU A 211 0.34 6.18 -38.07
CA LEU A 211 -0.13 7.08 -39.11
C LEU A 211 0.98 7.25 -40.14
N MET A 212 0.66 6.92 -41.39
CA MET A 212 1.62 7.04 -42.49
C MET A 212 1.65 8.49 -42.96
N THR A 213 2.63 9.25 -42.48
CA THR A 213 2.74 10.64 -42.90
C THR A 213 3.01 10.75 -44.39
N ASN A 214 3.84 9.86 -44.93
CA ASN A 214 4.08 9.79 -46.36
C ASN A 214 4.86 8.53 -46.67
N CYS A 215 4.57 7.95 -47.84
CA CYS A 215 5.26 6.77 -48.34
C CYS A 215 5.67 7.02 -49.79
N TYR A 216 6.76 6.39 -50.20
CA TYR A 216 7.24 6.52 -51.57
C TYR A 216 8.10 5.31 -51.92
N ALA A 217 8.27 5.11 -53.22
CA ALA A 217 9.12 4.05 -53.75
C ALA A 217 10.38 4.66 -54.33
N THR A 218 11.47 3.88 -54.28
CA THR A 218 12.76 4.34 -54.76
C THR A 218 13.40 3.27 -55.65
N PRO A 219 14.06 3.65 -56.75
CA PRO A 219 14.71 2.62 -57.58
C PRO A 219 15.84 1.89 -56.89
N SER A 220 16.44 2.49 -55.86
CA SER A 220 17.61 1.92 -55.19
C SER A 220 17.37 1.91 -53.69
N SER A 221 18.21 1.14 -52.99
CA SER A 221 18.08 1.03 -51.54
C SER A 221 18.29 2.39 -50.86
N ASN A 222 19.12 3.25 -51.45
CA ASN A 222 19.39 4.54 -50.85
C ASN A 222 18.12 5.39 -50.86
N ALA A 223 17.64 5.75 -49.67
CA ALA A 223 16.41 6.53 -49.56
C ALA A 223 16.57 7.91 -50.18
N THR A 224 17.73 8.54 -49.97
CA THR A 224 17.97 9.89 -50.48
C THR A 224 18.25 9.80 -51.98
N ASP A 225 17.16 9.73 -52.74
CA ASP A 225 17.22 9.69 -54.20
C ASP A 225 16.20 10.68 -54.75
N PRO A 226 16.57 11.52 -55.73
CA PRO A 226 15.60 12.49 -56.25
C PRO A 226 14.37 11.84 -56.87
N LEU A 227 14.52 10.67 -57.46
CA LEU A 227 13.40 10.02 -58.17
C LEU A 227 12.54 9.30 -57.14
N LYS A 228 11.48 9.96 -56.70
CA LYS A 228 10.55 9.43 -55.70
C LYS A 228 9.16 9.37 -56.29
N TYR A 229 8.46 8.27 -56.05
CA TYR A 229 7.08 8.08 -56.48
C TYR A 229 6.23 7.98 -55.22
N PHE A 230 5.75 9.14 -54.75
CA PHE A 230 4.95 9.19 -53.54
C PHE A 230 3.66 8.39 -53.73
N ILE A 231 3.44 7.42 -52.86
CA ILE A 231 2.22 6.63 -52.87
C ILE A 231 1.27 7.22 -51.84
N ILE A 232 1.84 7.78 -50.77
CA ILE A 232 1.07 8.52 -49.76
C ILE A 232 1.70 9.89 -49.62
N GLN A 233 0.92 10.94 -49.86
CA GLN A 233 1.40 12.32 -49.87
C GLN A 233 0.72 13.06 -48.73
N ASP A 234 1.50 13.45 -47.73
CA ASP A 234 1.04 14.25 -46.60
C ASP A 234 -0.20 13.62 -45.96
N ARG A 235 -0.01 12.40 -45.46
CA ARG A 235 -0.98 11.64 -44.67
C ARG A 235 -2.15 11.12 -45.51
N CYS A 236 -2.14 11.28 -46.83
CA CYS A 236 -3.21 10.79 -47.66
C CYS A 236 -2.64 10.20 -48.95
N PRO A 237 -3.35 9.25 -49.55
CA PRO A 237 -2.84 8.63 -50.78
C PRO A 237 -2.90 9.56 -51.97
N HIS A 238 -2.04 9.30 -52.95
CA HIS A 238 -2.03 10.07 -54.17
C HIS A 238 -3.29 9.78 -54.98
N THR A 239 -3.92 10.84 -55.48
CA THR A 239 -5.15 10.69 -56.25
C THR A 239 -4.78 10.32 -57.69
N ARG A 240 -5.77 10.37 -58.59
CA ARG A 240 -5.60 10.01 -60.00
C ARG A 240 -5.14 8.57 -60.19
N ASP A 241 -5.42 7.71 -59.21
CA ASP A 241 -5.06 6.30 -59.32
C ASP A 241 -6.04 5.51 -58.45
N SER A 242 -7.05 4.93 -59.11
CA SER A 242 -8.06 4.16 -58.38
C SER A 242 -7.47 2.93 -57.70
N THR A 243 -6.33 2.44 -58.18
CA THR A 243 -5.73 1.23 -57.62
C THR A 243 -5.17 1.43 -56.22
N ILE A 244 -5.06 2.67 -55.75
CA ILE A 244 -4.51 2.96 -54.43
C ILE A 244 -5.67 2.96 -53.44
N GLN A 245 -5.68 1.96 -52.55
CA GLN A 245 -6.68 1.88 -51.50
C GLN A 245 -6.01 1.40 -50.23
N VAL A 246 -6.35 2.04 -49.11
CA VAL A 246 -5.81 1.69 -47.80
C VAL A 246 -6.98 1.29 -46.91
N VAL A 247 -6.93 0.09 -46.36
CA VAL A 247 -8.03 -0.40 -45.52
C VAL A 247 -8.00 0.28 -44.16
N GLU A 248 -6.84 0.42 -43.56
CA GLU A 248 -6.71 1.00 -42.23
C GLU A 248 -5.42 1.80 -42.14
N ASN A 249 -5.51 2.96 -41.48
CA ASN A 249 -4.34 3.80 -41.23
C ASN A 249 -4.69 4.75 -40.10
N GLY A 250 -3.97 4.62 -38.98
CA GLY A 250 -4.25 5.41 -37.80
C GLY A 250 -5.28 4.81 -36.86
N GLU A 251 -6.01 3.78 -37.30
CA GLU A 251 -6.97 3.14 -36.41
C GLU A 251 -6.26 2.37 -35.30
N SER A 252 -5.17 1.68 -35.63
CA SER A 252 -4.46 0.86 -34.67
C SER A 252 -3.03 0.67 -35.16
N SER A 253 -2.32 -0.28 -34.54
CA SER A 253 -0.92 -0.54 -34.89
C SER A 253 -0.77 -1.16 -36.27
N GLN A 254 -1.86 -1.66 -36.87
CA GLN A 254 -1.79 -2.35 -38.15
C GLN A 254 -2.18 -1.36 -39.25
N GLY A 255 -1.18 -0.87 -39.97
CA GLY A 255 -1.41 0.01 -41.09
C GLY A 255 -1.12 -0.67 -42.41
N ARG A 256 -2.14 -0.78 -43.26
CA ARG A 256 -2.05 -1.52 -44.51
C ARG A 256 -2.50 -0.64 -45.67
N PHE A 257 -1.73 -0.68 -46.76
CA PHE A 257 -2.07 0.03 -47.99
C PHE A 257 -2.02 -0.95 -49.16
N SER A 258 -2.98 -0.82 -50.06
CA SER A 258 -3.13 -1.72 -51.19
C SER A 258 -2.86 -0.98 -52.48
N VAL A 259 -2.00 -1.54 -53.32
CA VAL A 259 -1.68 -0.97 -54.63
C VAL A 259 -1.18 -2.10 -55.50
N GLN A 260 -1.30 -1.93 -56.82
CA GLN A 260 -0.79 -2.91 -57.76
C GLN A 260 0.65 -2.56 -58.16
N MET A 261 1.35 -3.57 -58.67
CA MET A 261 2.78 -3.42 -58.93
C MET A 261 3.02 -2.42 -60.06
N PHE A 262 4.20 -1.79 -60.00
CA PHE A 262 4.62 -0.81 -61.00
C PHE A 262 6.12 -0.94 -61.23
N ARG A 263 6.59 -0.31 -62.30
CA ARG A 263 8.00 -0.28 -62.63
C ARG A 263 8.41 1.15 -62.99
N PHE A 264 9.56 1.58 -62.49
CA PHE A 264 10.08 2.89 -62.83
C PHE A 264 10.45 2.93 -64.31
N ALA A 265 10.25 4.10 -64.92
CA ALA A 265 10.57 4.30 -66.32
C ALA A 265 12.06 4.59 -66.47
N GLY A 266 12.74 3.80 -67.30
CA GLY A 266 14.15 3.98 -67.54
C GLY A 266 14.91 2.66 -67.49
N ASN A 267 16.20 2.73 -67.15
CA ASN A 267 17.05 1.55 -67.04
C ASN A 267 16.94 0.91 -65.66
N TYR A 268 16.14 1.46 -64.75
CA TYR A 268 16.04 0.93 -63.41
C TYR A 268 15.21 -0.35 -63.41
N ASP A 269 15.83 -1.46 -63.02
CA ASP A 269 15.15 -2.75 -62.99
C ASP A 269 14.56 -3.06 -61.62
N LEU A 270 15.26 -2.73 -60.55
CA LEU A 270 14.81 -3.02 -59.20
C LEU A 270 14.12 -1.80 -58.59
N VAL A 271 13.09 -2.05 -57.79
CA VAL A 271 12.32 -1.01 -57.13
C VAL A 271 12.27 -1.33 -55.65
N TYR A 272 12.52 -0.33 -54.82
CA TYR A 272 12.48 -0.44 -53.37
C TYR A 272 11.30 0.34 -52.81
N LEU A 273 10.95 0.05 -51.57
CA LEU A 273 9.84 0.71 -50.89
C LEU A 273 10.34 1.30 -49.58
N HIS A 274 10.05 2.58 -49.37
CA HIS A 274 10.39 3.29 -48.15
C HIS A 274 9.15 4.04 -47.66
N CYS A 275 9.10 4.29 -46.36
CA CYS A 275 7.96 4.97 -45.77
C CYS A 275 8.42 5.79 -44.57
N GLU A 276 7.66 6.84 -44.29
CA GLU A 276 7.79 7.61 -43.05
C GLU A 276 6.49 7.48 -42.29
N VAL A 277 6.59 7.40 -40.97
CA VAL A 277 5.43 7.10 -40.12
C VAL A 277 5.49 7.99 -38.88
N TYR A 278 4.32 8.47 -38.46
CA TYR A 278 4.18 9.29 -37.27
C TYR A 278 3.26 8.57 -36.30
N LEU A 279 3.76 8.30 -35.09
CA LEU A 279 2.94 7.69 -34.06
C LEU A 279 1.99 8.73 -33.49
N CYS A 280 0.71 8.39 -33.41
CA CYS A 280 -0.34 9.32 -33.03
C CYS A 280 -0.95 8.89 -31.71
N ASP A 281 -1.11 9.83 -30.79
CA ASP A 281 -1.68 9.58 -29.49
C ASP A 281 -3.20 9.75 -29.56
N THR A 282 -3.94 8.71 -29.20
CA THR A 282 -5.39 8.76 -29.27
C THR A 282 -6.00 9.65 -28.19
N MET A 283 -5.25 9.96 -27.13
CA MET A 283 -5.80 10.77 -26.05
C MET A 283 -6.17 12.17 -26.54
N ASN A 284 -5.32 12.77 -27.36
CA ASN A 284 -5.50 14.15 -27.81
C ASN A 284 -5.88 14.24 -29.28
N GLU A 285 -5.07 13.65 -30.17
CA GLU A 285 -5.35 13.72 -31.60
C GLU A 285 -6.37 12.67 -32.00
N LYS A 286 -7.26 13.04 -32.93
CA LYS A 286 -8.23 12.09 -33.45
C LYS A 286 -7.54 10.95 -34.19
N CYS A 287 -6.45 11.25 -34.88
CA CYS A 287 -5.65 10.24 -35.58
C CYS A 287 -6.44 9.54 -36.68
N LYS A 288 -7.42 10.24 -37.25
CA LYS A 288 -8.22 9.73 -38.36
C LYS A 288 -8.27 10.83 -39.43
N PRO A 289 -7.18 11.00 -40.18
CA PRO A 289 -7.15 12.09 -41.16
C PRO A 289 -8.22 11.93 -42.24
N THR A 290 -8.74 13.06 -42.70
CA THR A 290 -9.74 13.09 -43.76
C THR A 290 -9.29 14.09 -44.82
N CYS A 291 -9.51 13.73 -46.08
CA CYS A 291 -9.00 14.52 -47.20
C CYS A 291 -9.83 14.20 -48.43
N SER A 292 -9.57 14.96 -49.50
CA SER A 292 -10.28 14.79 -50.77
C SER A 292 -9.73 13.57 -51.49
N GLY A 293 -10.08 12.39 -50.97
CA GLY A 293 -9.63 11.14 -51.55
C GLY A 293 -10.14 10.93 -52.96
N SER B 153 -35.89 -20.68 47.69
CA SER B 153 -35.86 -20.80 46.24
C SER B 153 -35.31 -19.53 45.60
N ALA B 154 -34.39 -19.70 44.65
CA ALA B 154 -33.76 -18.58 43.97
C ALA B 154 -33.68 -18.87 42.48
N LEU B 155 -33.84 -17.82 41.68
CA LEU B 155 -33.74 -17.89 40.23
C LEU B 155 -32.44 -17.22 39.79
N ASN B 156 -31.62 -17.96 39.05
CA ASN B 156 -30.35 -17.47 38.54
C ASN B 156 -30.38 -17.44 37.03
N ILE B 157 -30.07 -16.29 36.45
CA ILE B 157 -29.98 -16.11 35.01
C ILE B 157 -28.61 -15.54 34.68
N ARG B 158 -27.93 -16.17 33.72
CA ARG B 158 -26.59 -15.75 33.35
C ARG B 158 -26.66 -14.54 32.41
N VAL B 159 -25.78 -13.58 32.64
CA VAL B 159 -25.68 -12.38 31.83
C VAL B 159 -24.21 -12.11 31.53
N GLY B 160 -23.92 -11.79 30.28
CA GLY B 160 -22.57 -11.50 29.86
C GLY B 160 -22.52 -10.23 29.02
N GLY B 161 -21.43 -9.50 29.16
CA GLY B 161 -21.25 -8.25 28.44
C GLY B 161 -19.85 -8.08 27.88
N THR B 162 -19.76 -7.85 26.58
CA THR B 162 -18.47 -7.62 25.94
C THR B 162 -17.98 -6.22 26.25
N GLY B 163 -16.76 -6.08 26.74
CA GLY B 163 -16.22 -4.77 27.09
C GLY B 163 -14.89 -4.60 26.44
N MET B 164 -14.28 -3.43 26.53
CA MET B 164 -12.92 -3.25 26.02
C MET B 164 -12.25 -2.22 26.92
N PHE B 165 -10.94 -2.34 27.10
CA PHE B 165 -10.20 -1.39 27.91
C PHE B 165 -9.75 -0.21 27.05
N THR B 166 -9.34 0.89 27.68
CA THR B 166 -8.88 2.07 26.98
C THR B 166 -7.35 2.09 26.99
N VAL B 167 -6.76 2.21 25.81
CA VAL B 167 -5.31 2.21 25.66
C VAL B 167 -4.94 3.28 24.64
N ARG B 168 -3.86 4.01 24.93
CA ARG B 168 -3.39 5.06 24.04
C ARG B 168 -1.88 5.20 24.21
N MET B 169 -1.25 5.79 23.20
CA MET B 169 0.18 6.06 23.22
C MET B 169 0.41 7.51 22.82
N ALA B 170 1.51 8.07 23.30
CA ALA B 170 1.85 9.47 23.06
C ALA B 170 3.28 9.59 22.60
N LEU B 171 3.54 10.63 21.80
CA LEU B 171 4.88 10.94 21.30
C LEU B 171 5.43 12.09 22.12
N PHE B 172 6.45 11.81 22.94
CA PHE B 172 7.09 12.82 23.74
C PHE B 172 8.33 13.35 23.03
N GLN B 173 8.70 14.59 23.36
CA GLN B 173 9.86 15.24 22.76
C GLN B 173 11.13 15.02 23.58
N THR B 174 11.04 15.22 24.89
CA THR B 174 12.20 15.14 25.75
C THR B 174 12.46 13.70 26.18
N PRO B 175 13.69 13.39 26.60
CA PRO B 175 13.95 12.06 27.20
C PRO B 175 13.23 11.84 28.51
N SER B 176 12.70 12.89 29.14
CA SER B 176 11.96 12.77 30.39
C SER B 176 10.48 12.48 30.17
N TYR B 177 10.02 12.44 28.92
CA TYR B 177 8.63 12.09 28.60
C TYR B 177 7.65 13.05 29.28
N THR B 178 7.72 14.32 28.88
CA THR B 178 6.99 15.39 29.54
C THR B 178 5.79 15.88 28.75
N GLN B 179 5.98 16.32 27.50
CA GLN B 179 4.90 16.94 26.74
C GLN B 179 4.46 16.04 25.59
N PRO B 180 3.21 15.58 25.55
CA PRO B 180 2.71 14.91 24.34
C PRO B 180 2.46 15.90 23.21
N TYR B 181 2.43 15.37 22.00
CA TYR B 181 2.01 16.15 20.84
C TYR B 181 0.49 16.18 20.75
N GLN B 182 -0.02 17.12 19.96
CA GLN B 182 -1.46 17.24 19.70
C GLN B 182 -1.81 17.38 18.24
N GLY B 183 -0.89 17.79 17.37
CA GLY B 183 -1.21 17.95 15.97
C GLY B 183 -1.40 16.61 15.27
N SER B 184 -2.17 16.65 14.18
CA SER B 184 -2.42 15.44 13.41
C SER B 184 -1.17 14.95 12.68
N SER B 185 -0.17 15.81 12.49
CA SER B 185 1.06 15.42 11.82
C SER B 185 2.22 16.22 12.38
N VAL B 186 3.43 15.68 12.24
CA VAL B 186 4.64 16.30 12.73
C VAL B 186 5.74 16.11 11.70
N THR B 187 6.77 16.96 11.80
CA THR B 187 7.94 16.90 10.94
C THR B 187 9.19 16.77 11.81
N LEU B 188 10.12 15.92 11.38
CA LEU B 188 11.33 15.65 12.15
C LEU B 188 12.45 15.29 11.20
N SER B 189 13.67 15.25 11.75
CA SER B 189 14.87 14.88 11.03
C SER B 189 15.38 13.53 11.54
N THR B 190 16.29 12.94 10.76
CA THR B 190 16.84 11.63 11.12
C THR B 190 17.60 11.69 12.44
N GLU B 191 18.40 12.75 12.63
CA GLU B 191 19.19 12.86 13.85
C GLU B 191 18.31 13.03 15.09
N ALA B 192 17.06 13.46 14.92
CA ALA B 192 16.18 13.64 16.06
C ALA B 192 15.89 12.30 16.72
N PHE B 193 15.83 12.31 18.05
CA PHE B 193 15.53 11.11 18.83
C PHE B 193 14.04 11.03 19.09
N LEU B 194 13.44 9.90 18.71
CA LEU B 194 11.99 9.70 18.83
C LEU B 194 11.71 9.00 20.16
N TYR B 195 11.22 9.75 21.13
CA TYR B 195 10.86 9.22 22.44
C TYR B 195 9.35 9.00 22.48
N VAL B 196 8.94 7.76 22.78
CA VAL B 196 7.53 7.38 22.77
C VAL B 196 7.23 6.56 24.02
N GLY B 197 6.04 6.76 24.58
CA GLY B 197 5.59 5.99 25.71
C GLY B 197 4.12 5.69 25.60
N THR B 198 3.69 4.66 26.31
CA THR B 198 2.31 4.20 26.30
C THR B 198 1.73 4.29 27.70
N MET B 199 0.42 4.55 27.76
CA MET B 199 -0.29 4.70 29.02
C MET B 199 -1.68 4.10 28.89
N LEU B 200 -2.25 3.73 30.04
CA LEU B 200 -3.62 3.27 30.13
C LEU B 200 -4.46 4.37 30.77
N ASP B 201 -5.41 4.91 30.01
CA ASP B 201 -6.28 5.95 30.53
C ASP B 201 -7.27 5.42 31.57
N GLY B 202 -7.37 4.10 31.71
CA GLY B 202 -8.24 3.53 32.71
C GLY B 202 -7.80 2.13 33.09
N GLY B 203 -8.34 1.64 34.20
CA GLY B 203 -8.01 0.30 34.65
C GLY B 203 -6.56 0.13 35.03
N ASP B 204 -5.99 1.08 35.76
CA ASP B 204 -4.59 1.03 36.15
C ASP B 204 -4.41 0.15 37.39
N LEU B 205 -4.76 -1.12 37.23
CA LEU B 205 -4.56 -2.08 38.30
C LEU B 205 -3.08 -2.27 38.60
N SER B 206 -2.76 -2.39 39.88
CA SER B 206 -1.36 -2.50 40.28
C SER B 206 -0.73 -3.78 39.77
N ARG B 207 -1.50 -4.88 39.71
CA ARG B 207 -0.96 -6.17 39.33
C ARG B 207 -0.97 -6.42 37.82
N PHE B 208 -1.60 -5.55 37.04
CA PHE B 208 -1.57 -5.66 35.59
C PHE B 208 -0.42 -4.80 35.06
N ALA B 209 0.54 -5.44 34.43
CA ALA B 209 1.70 -4.77 33.86
C ALA B 209 1.60 -4.74 32.34
N LEU B 210 2.27 -3.75 31.76
CA LEU B 210 2.21 -3.51 30.31
C LEU B 210 3.45 -4.11 29.66
N LEU B 211 3.25 -5.07 28.77
CA LEU B 211 4.34 -5.78 28.10
C LEU B 211 4.14 -5.65 26.59
N MET B 212 5.15 -5.10 25.92
CA MET B 212 5.11 -4.92 24.47
C MET B 212 5.49 -6.24 23.80
N THR B 213 4.48 -7.01 23.39
CA THR B 213 4.77 -8.28 22.73
C THR B 213 5.51 -8.05 21.41
N ASN B 214 5.14 -7.01 20.67
CA ASN B 214 5.85 -6.63 19.45
C ASN B 214 5.34 -5.28 18.99
N CYS B 215 6.26 -4.50 18.41
CA CYS B 215 5.96 -3.20 17.84
C CYS B 215 6.56 -3.11 16.46
N TYR B 216 5.93 -2.33 15.59
CA TYR B 216 6.44 -2.14 14.24
C TYR B 216 5.90 -0.84 13.68
N ALA B 217 6.56 -0.36 12.64
CA ALA B 217 6.16 0.84 11.91
C ALA B 217 5.59 0.47 10.55
N THR B 218 4.67 1.28 10.07
CA THR B 218 4.00 1.03 8.81
C THR B 218 3.98 2.30 7.96
N PRO B 219 4.19 2.21 6.64
CA PRO B 219 4.14 3.42 5.82
C PRO B 219 2.77 4.08 5.76
N SER B 220 1.70 3.34 6.04
CA SER B 220 0.35 3.83 5.92
C SER B 220 -0.42 3.51 7.20
N SER B 221 -1.57 4.19 7.36
CA SER B 221 -2.40 3.97 8.54
C SER B 221 -2.88 2.54 8.65
N ASN B 222 -3.09 1.87 7.51
CA ASN B 222 -3.57 0.49 7.52
C ASN B 222 -2.52 -0.41 8.14
N ALA B 223 -2.88 -1.05 9.27
CA ALA B 223 -1.92 -1.92 9.96
C ALA B 223 -1.56 -3.13 9.12
N THR B 224 -2.53 -3.69 8.42
CA THR B 224 -2.31 -4.90 7.60
C THR B 224 -1.58 -4.49 6.33
N ASP B 225 -0.26 -4.33 6.44
CA ASP B 225 0.60 -3.99 5.33
C ASP B 225 1.81 -4.92 5.36
N PRO B 226 2.20 -5.51 4.22
CA PRO B 226 3.36 -6.42 4.25
C PRO B 226 4.65 -5.75 4.68
N LEU B 227 4.83 -4.47 4.39
CA LEU B 227 6.08 -3.77 4.69
C LEU B 227 6.04 -3.34 6.16
N LYS B 228 6.64 -4.15 7.02
CA LYS B 228 6.69 -3.89 8.45
C LYS B 228 8.13 -3.82 8.89
N TYR B 229 8.44 -2.84 9.74
CA TYR B 229 9.76 -2.67 10.33
C TYR B 229 9.61 -2.91 11.83
N PHE B 230 9.79 -4.16 12.25
CA PHE B 230 9.64 -4.51 13.65
C PHE B 230 10.70 -3.79 14.49
N ILE B 231 10.24 -3.03 15.47
CA ILE B 231 11.13 -2.34 16.40
C ILE B 231 11.27 -3.20 17.64
N ILE B 232 10.20 -3.93 17.98
CA ILE B 232 10.21 -4.91 19.07
C ILE B 232 9.74 -6.24 18.48
N GLN B 233 10.58 -7.26 18.59
CA GLN B 233 10.31 -8.57 18.00
C GLN B 233 10.17 -9.59 19.13
N ASP B 234 8.97 -10.11 19.31
CA ASP B 234 8.68 -11.16 20.29
C ASP B 234 9.19 -10.76 21.68
N ARG B 235 8.64 -9.66 22.18
CA ARG B 235 8.84 -9.15 23.53
C ARG B 235 10.23 -8.55 23.75
N CYS B 236 11.06 -8.44 22.72
CA CYS B 236 12.38 -7.86 22.87
C CYS B 236 12.72 -6.98 21.66
N PRO B 237 13.56 -5.97 21.85
CA PRO B 237 13.89 -5.07 20.74
C PRO B 237 14.76 -5.76 19.69
N HIS B 238 14.68 -5.23 18.47
CA HIS B 238 15.51 -5.74 17.39
C HIS B 238 16.97 -5.38 17.64
N THR B 239 17.85 -6.35 17.46
CA THR B 239 19.28 -6.14 17.66
C THR B 239 19.87 -5.45 16.43
N ARG B 240 21.20 -5.39 16.37
CA ARG B 240 21.93 -4.74 15.28
C ARG B 240 21.59 -3.26 15.14
N ASP B 241 21.11 -2.64 16.23
CA ASP B 241 20.80 -1.22 16.21
C ASP B 241 20.96 -0.70 17.63
N SER B 242 22.11 -0.06 17.90
CA SER B 242 22.37 0.47 19.23
C SER B 242 21.40 1.57 19.63
N THR B 243 20.77 2.23 18.64
CA THR B 243 19.88 3.34 18.94
C THR B 243 18.58 2.89 19.59
N ILE B 244 18.29 1.59 19.62
CA ILE B 244 17.05 1.08 20.20
C ILE B 244 17.32 0.79 21.68
N GLN B 245 16.70 1.58 22.55
CA GLN B 245 16.81 1.38 23.98
C GLN B 245 15.45 1.64 24.63
N VAL B 246 15.06 0.76 25.54
CA VAL B 246 13.79 0.87 26.25
C VAL B 246 14.11 0.99 27.74
N VAL B 247 13.62 2.06 28.37
CA VAL B 247 13.91 2.28 29.78
C VAL B 247 13.10 1.34 30.65
N GLU B 248 11.81 1.17 30.33
CA GLU B 248 10.93 0.33 31.14
C GLU B 248 9.94 -0.38 30.23
N ASN B 249 9.68 -1.65 30.55
CA ASN B 249 8.68 -2.43 29.83
C ASN B 249 8.30 -3.62 30.70
N GLY B 250 7.05 -3.67 31.12
CA GLY B 250 6.58 -4.71 32.02
C GLY B 250 6.74 -4.39 33.49
N GLU B 251 7.50 -3.35 33.83
CA GLU B 251 7.63 -2.96 35.23
C GLU B 251 6.33 -2.39 35.77
N SER B 252 5.64 -1.58 34.99
CA SER B 252 4.42 -0.92 35.43
C SER B 252 3.61 -0.53 34.19
N SER B 253 2.60 0.32 34.40
CA SER B 253 1.72 0.75 33.32
C SER B 253 2.43 1.64 32.31
N GLN B 254 3.60 2.18 32.64
CA GLN B 254 4.31 3.12 31.78
C GLN B 254 5.38 2.36 31.00
N GLY B 255 5.09 2.08 29.73
CA GLY B 255 6.04 1.43 28.85
C GLY B 255 6.60 2.41 27.83
N ARG B 256 7.92 2.61 27.85
CA ARG B 256 8.58 3.59 27.01
C ARG B 256 9.71 2.93 26.24
N PHE B 257 9.80 3.25 24.95
CA PHE B 257 10.89 2.79 24.09
C PHE B 257 11.51 3.99 23.39
N SER B 258 12.83 3.98 23.29
CA SER B 258 13.59 5.08 22.73
C SER B 258 14.25 4.63 21.43
N VAL B 259 14.07 5.43 20.37
CA VAL B 259 14.69 5.16 19.08
C VAL B 259 14.76 6.48 18.33
N GLN B 260 15.69 6.57 17.39
CA GLN B 260 15.82 7.75 16.55
C GLN B 260 14.99 7.60 15.29
N MET B 261 14.67 8.74 14.66
CA MET B 261 13.76 8.75 13.53
C MET B 261 14.34 8.02 12.34
N PHE B 262 13.46 7.48 11.51
CA PHE B 262 13.84 6.76 10.30
C PHE B 262 12.81 7.03 9.22
N ARG B 263 13.17 6.68 7.99
CA ARG B 263 12.29 6.82 6.84
C ARG B 263 12.31 5.53 6.02
N PHE B 264 11.13 5.08 5.59
CA PHE B 264 11.04 3.92 4.74
C PHE B 264 11.69 4.19 3.39
N ALA B 265 12.31 3.17 2.82
CA ALA B 265 12.96 3.28 1.53
C ALA B 265 11.93 3.14 0.41
N GLY B 266 11.87 4.13 -0.47
CA GLY B 266 10.93 4.11 -1.58
C GLY B 266 10.22 5.43 -1.76
N ASN B 267 9.01 5.38 -2.32
CA ASN B 267 8.20 6.57 -2.52
C ASN B 267 7.36 6.91 -1.30
N TYR B 268 7.45 6.12 -0.23
CA TYR B 268 6.64 6.36 0.96
C TYR B 268 7.20 7.56 1.73
N ASP B 269 6.38 8.60 1.86
CA ASP B 269 6.78 9.81 2.56
C ASP B 269 6.37 9.79 4.04
N LEU B 270 5.17 9.29 4.33
CA LEU B 270 4.64 9.27 5.69
C LEU B 270 4.90 7.91 6.33
N VAL B 271 5.17 7.92 7.63
CA VAL B 271 5.43 6.71 8.39
C VAL B 271 4.51 6.71 9.61
N TYR B 272 3.87 5.58 9.86
CA TYR B 272 2.98 5.39 11.00
C TYR B 272 3.61 4.43 12.00
N LEU B 273 3.07 4.43 13.22
CA LEU B 273 3.55 3.57 14.29
C LEU B 273 2.38 2.76 14.83
N HIS B 274 2.57 1.45 14.90
CA HIS B 274 1.60 0.53 15.47
C HIS B 274 2.31 -0.39 16.46
N CYS B 275 1.54 -0.90 17.43
CA CYS B 275 2.11 -1.77 18.44
C CYS B 275 1.06 -2.78 18.88
N GLU B 276 1.54 -3.92 19.36
CA GLU B 276 0.73 -4.92 20.05
C GLU B 276 1.25 -5.04 21.47
N VAL B 277 0.33 -5.22 22.42
CA VAL B 277 0.66 -5.19 23.84
C VAL B 277 -0.09 -6.31 24.55
N TYR B 278 0.59 -6.94 25.50
CA TYR B 278 0.01 -8.00 26.32
C TYR B 278 0.06 -7.57 27.77
N LEU B 279 -1.11 -7.51 28.41
CA LEU B 279 -1.16 -7.18 29.83
C LEU B 279 -0.72 -8.39 30.65
N CYS B 280 0.20 -8.16 31.58
CA CYS B 280 0.85 -9.22 32.34
C CYS B 280 0.45 -9.11 33.80
N ASP B 281 0.07 -10.24 34.39
CA ASP B 281 -0.32 -10.30 35.79
C ASP B 281 0.90 -10.56 36.65
N THR B 282 1.17 -9.67 37.60
CA THR B 282 2.35 -9.81 38.45
C THR B 282 2.21 -10.95 39.45
N MET B 283 0.99 -11.41 39.72
CA MET B 283 0.80 -12.46 40.71
C MET B 283 1.49 -13.76 40.30
N ASN B 284 1.39 -14.11 39.02
CA ASN B 284 1.92 -15.38 38.51
C ASN B 284 3.14 -15.19 37.62
N GLU B 285 3.04 -14.37 36.58
CA GLU B 285 4.16 -14.16 35.66
C GLU B 285 5.12 -13.13 36.23
N LYS B 286 6.42 -13.37 36.01
CA LYS B 286 7.42 -12.40 36.43
C LYS B 286 7.27 -11.09 35.67
N CYS B 287 6.88 -11.16 34.40
CA CYS B 287 6.63 -9.98 33.57
C CYS B 287 7.88 -9.12 33.39
N LYS B 288 9.05 -9.76 33.44
CA LYS B 288 10.33 -9.09 33.21
C LYS B 288 11.12 -9.94 32.22
N PRO B 289 10.77 -9.89 30.94
CA PRO B 289 11.44 -10.75 29.97
C PRO B 289 12.93 -10.44 29.86
N THR B 290 13.71 -11.48 29.61
CA THR B 290 15.16 -11.38 29.43
C THR B 290 15.55 -12.10 28.16
N CYS B 291 16.49 -11.51 27.43
CA CYS B 291 16.85 -12.01 26.10
C CYS B 291 18.25 -11.51 25.76
N SER B 292 18.78 -12.01 24.65
CA SER B 292 20.11 -11.64 24.18
C SER B 292 20.04 -10.26 23.53
N GLY B 293 19.90 -9.24 24.38
CA GLY B 293 19.82 -7.87 23.93
C GLY B 293 21.08 -7.40 23.23
N SER C 1 33.13 -19.59 -2.84
CA SER C 1 32.85 -20.99 -2.50
C SER C 1 34.13 -21.77 -2.29
N VAL C 2 34.10 -22.72 -1.35
CA VAL C 2 35.28 -23.54 -1.07
C VAL C 2 35.48 -24.66 -2.08
N GLU C 3 34.65 -24.74 -3.12
CA GLU C 3 34.75 -25.77 -4.14
C GLU C 3 35.17 -25.20 -5.49
N GLY C 4 34.43 -24.21 -6.00
CA GLY C 4 34.72 -23.68 -7.32
C GLY C 4 35.98 -22.83 -7.34
N THR C 5 36.69 -22.91 -8.46
CA THR C 5 37.90 -22.13 -8.66
C THR C 5 37.53 -20.72 -9.14
N CYS C 6 38.51 -20.00 -9.68
CA CYS C 6 38.32 -18.61 -10.08
C CYS C 6 37.06 -18.40 -10.92
N GLU C 7 36.68 -19.41 -11.72
CA GLU C 7 35.46 -19.28 -12.51
C GLU C 7 34.23 -19.16 -11.64
N GLU C 8 34.29 -19.61 -10.39
CA GLU C 8 33.15 -19.50 -9.49
C GLU C 8 32.74 -18.06 -9.29
N CYS C 9 33.70 -17.16 -9.11
CA CYS C 9 33.47 -15.74 -8.93
C CYS C 9 33.61 -15.02 -10.25
N SER C 10 33.04 -13.81 -10.31
CA SER C 10 32.99 -13.05 -11.55
C SER C 10 34.40 -12.74 -12.06
N ILE C 11 34.56 -12.78 -13.38
CA ILE C 11 35.87 -12.54 -13.98
C ILE C 11 36.29 -11.09 -13.79
N ASP C 12 35.33 -10.16 -13.83
CA ASP C 12 35.67 -8.75 -13.73
C ASP C 12 36.37 -8.44 -12.41
N GLU C 13 35.87 -9.00 -11.32
CA GLU C 13 36.50 -8.85 -10.02
C GLU C 13 37.59 -9.89 -9.84
N ASP C 14 38.76 -9.46 -9.38
CA ASP C 14 39.89 -10.37 -9.27
C ASP C 14 39.59 -11.48 -8.26
N CYS C 15 40.06 -12.68 -8.57
CA CYS C 15 39.86 -13.85 -7.72
C CYS C 15 41.13 -14.10 -6.93
N LYS C 16 41.07 -13.84 -5.62
CA LYS C 16 42.23 -13.99 -4.76
C LYS C 16 42.38 -15.46 -4.34
N SER C 17 43.62 -15.93 -4.30
CA SER C 17 43.90 -17.32 -4.00
C SER C 17 45.07 -17.42 -3.03
N ASN C 18 44.85 -18.15 -1.94
CA ASN C 18 45.91 -18.45 -0.98
C ASN C 18 45.57 -19.74 -0.27
N ASN C 19 46.59 -20.36 0.33
CA ASN C 19 46.40 -21.64 0.99
C ASN C 19 45.53 -21.47 2.23
N GLY C 20 44.45 -22.24 2.30
CA GLY C 20 43.50 -22.13 3.39
C GLY C 20 42.70 -20.85 3.40
N ARG C 21 42.82 -20.01 2.37
CA ARG C 21 42.12 -18.72 2.34
C ARG C 21 41.98 -18.30 0.88
N TRP C 22 40.77 -18.48 0.34
CA TRP C 22 40.44 -18.07 -1.02
C TRP C 22 39.29 -17.09 -0.98
N HIS C 23 39.29 -16.15 -1.91
CA HIS C 23 38.23 -15.14 -1.99
C HIS C 23 38.42 -14.36 -3.30
N CYS C 24 37.49 -13.46 -3.56
CA CYS C 24 37.57 -12.59 -4.73
C CYS C 24 37.12 -11.18 -4.36
N GLN C 25 37.86 -10.19 -4.82
CA GLN C 25 37.52 -8.79 -4.65
C GLN C 25 37.86 -8.06 -5.94
N CYS C 26 37.86 -6.73 -5.89
CA CYS C 26 38.07 -5.89 -7.06
C CYS C 26 39.34 -5.07 -6.86
N LYS C 27 39.61 -4.20 -7.83
CA LYS C 27 40.87 -3.45 -7.92
C LYS C 27 40.56 -1.96 -7.98
N GLN C 28 41.60 -1.17 -8.29
CA GLN C 28 41.43 0.28 -8.40
C GLN C 28 40.41 0.65 -9.46
N ASP C 29 40.11 -0.25 -10.42
CA ASP C 29 39.11 0.05 -11.43
C ASP C 29 37.76 0.34 -10.79
N PHE C 30 37.34 -0.50 -9.83
CA PHE C 30 36.10 -0.30 -9.08
C PHE C 30 36.46 -0.35 -7.59
N ASN C 31 36.94 0.77 -7.06
CA ASN C 31 37.31 0.85 -5.65
C ASN C 31 36.89 2.15 -4.96
N ILE C 32 36.66 3.24 -5.68
CA ILE C 32 36.47 4.54 -5.08
C ILE C 32 34.99 4.78 -4.78
N THR C 33 34.72 5.76 -3.94
CA THR C 33 33.37 6.04 -3.45
C THR C 33 32.65 7.12 -4.24
N ASP C 34 33.27 8.30 -4.40
CA ASP C 34 32.59 9.43 -5.03
C ASP C 34 32.19 9.10 -6.47
N ILE C 35 33.16 8.63 -7.27
CA ILE C 35 32.84 8.27 -8.64
C ILE C 35 31.86 7.11 -8.66
N SER C 36 31.98 6.19 -7.70
CA SER C 36 31.00 5.11 -7.59
C SER C 36 29.61 5.67 -7.35
N LEU C 37 29.48 6.67 -6.48
CA LEU C 37 28.20 7.35 -6.32
C LEU C 37 27.75 7.96 -7.64
N LEU C 38 28.70 8.51 -8.40
CA LEU C 38 28.39 9.04 -9.72
C LEU C 38 28.38 7.98 -10.82
N GLU C 39 28.81 6.75 -10.52
CA GLU C 39 28.88 5.69 -11.52
C GLU C 39 27.53 5.00 -11.65
N HIS C 40 27.18 4.67 -12.90
CA HIS C 40 25.95 3.95 -13.21
C HIS C 40 25.96 3.68 -14.72
N ARG C 41 24.97 2.90 -15.16
CA ARG C 41 24.76 2.66 -16.58
C ARG C 41 23.28 2.38 -16.81
N LEU C 42 22.80 2.74 -18.00
CA LEU C 42 21.40 2.62 -18.34
C LEU C 42 21.27 2.02 -19.74
N GLU C 43 20.13 1.36 -19.98
CA GLU C 43 19.83 0.76 -21.27
C GLU C 43 18.35 0.96 -21.57
N CYS C 44 18.05 1.62 -22.68
CA CYS C 44 16.68 1.86 -23.12
C CYS C 44 16.33 0.81 -24.17
N GLY C 45 15.41 -0.09 -23.82
CA GLY C 45 14.99 -1.15 -24.71
C GLY C 45 13.71 -0.79 -25.47
N ALA C 46 13.39 -1.65 -26.44
CA ALA C 46 12.19 -1.43 -27.24
C ALA C 46 10.93 -1.51 -26.39
N ASN C 47 10.87 -2.50 -25.49
CA ASN C 47 9.71 -2.71 -24.64
C ASN C 47 10.02 -2.62 -23.15
N ASP C 48 11.28 -2.46 -22.77
CA ASP C 48 11.67 -2.43 -21.37
C ASP C 48 12.85 -1.48 -21.20
N MET C 49 13.01 -0.99 -19.98
CA MET C 49 14.12 -0.12 -19.61
C MET C 49 14.88 -0.75 -18.45
N LYS C 50 16.21 -0.71 -18.54
CA LYS C 50 17.08 -1.35 -17.57
C LYS C 50 18.08 -0.34 -17.03
N VAL C 51 18.28 -0.36 -15.72
CA VAL C 51 19.30 0.43 -15.05
C VAL C 51 20.06 -0.50 -14.11
N SER C 52 21.38 -0.39 -14.11
CA SER C 52 22.22 -1.28 -13.32
C SER C 52 23.42 -0.52 -12.77
N LEU C 53 23.93 -1.01 -11.64
CA LEU C 53 25.14 -0.50 -11.03
C LEU C 53 26.03 -1.66 -10.62
N GLY C 54 27.33 -1.42 -10.59
CA GLY C 54 28.29 -2.44 -10.24
C GLY C 54 28.08 -2.96 -8.82
N LYS C 55 27.88 -4.28 -8.69
CA LYS C 55 27.67 -4.86 -7.37
C LYS C 55 28.90 -4.67 -6.49
N CYS C 56 30.10 -4.75 -7.07
CA CYS C 56 31.31 -4.52 -6.30
C CYS C 56 31.36 -3.10 -5.77
N GLN C 57 30.85 -2.14 -6.54
CA GLN C 57 30.75 -0.77 -6.03
C GLN C 57 29.86 -0.71 -4.81
N LEU C 58 28.71 -1.39 -4.85
CA LEU C 58 27.81 -1.41 -3.70
C LEU C 58 28.49 -2.04 -2.49
N LYS C 59 29.20 -3.15 -2.71
CA LYS C 59 29.88 -3.80 -1.58
C LYS C 59 30.96 -2.90 -1.00
N SER C 60 31.71 -2.20 -1.85
CA SER C 60 32.77 -1.32 -1.38
C SER C 60 32.20 -0.10 -0.66
N LEU C 61 31.01 0.36 -1.06
CA LEU C 61 30.36 1.48 -0.40
C LEU C 61 29.71 1.08 0.93
N GLY C 62 29.92 -0.15 1.40
CA GLY C 62 29.35 -0.60 2.65
C GLY C 62 27.97 -1.20 2.52
N PHE C 63 27.37 -1.19 1.33
CA PHE C 63 26.03 -1.73 1.13
C PHE C 63 26.14 -3.21 0.79
N ASP C 64 26.35 -4.02 1.82
CA ASP C 64 26.45 -5.46 1.62
C ASP C 64 25.15 -6.02 1.04
N LYS C 65 24.01 -5.57 1.55
CA LYS C 65 22.71 -5.92 1.00
C LYS C 65 22.15 -4.70 0.26
N VAL C 66 21.64 -4.91 -0.94
CA VAL C 66 21.17 -3.84 -1.81
C VAL C 66 19.66 -3.93 -1.91
N PHE C 67 18.98 -2.81 -1.67
CA PHE C 67 17.53 -2.70 -1.79
C PHE C 67 17.23 -1.66 -2.85
N MET C 68 16.73 -2.11 -4.00
CA MET C 68 16.39 -1.24 -5.13
C MET C 68 14.88 -1.23 -5.28
N TYR C 69 14.29 -0.04 -5.20
CA TYR C 69 12.85 0.14 -5.32
C TYR C 69 12.57 1.34 -6.20
N LEU C 70 11.37 1.35 -6.78
CA LEU C 70 10.92 2.42 -7.67
C LEU C 70 9.69 3.07 -7.06
N SER C 71 9.05 3.95 -7.84
CA SER C 71 7.86 4.63 -7.37
C SER C 71 6.77 3.64 -6.97
N ASP C 72 6.77 2.45 -7.56
CA ASP C 72 5.88 1.37 -7.18
C ASP C 72 6.69 0.25 -6.56
N SER C 73 6.32 -0.14 -5.33
CA SER C 73 7.10 -1.12 -4.60
C SER C 73 7.02 -2.51 -5.20
N ARG C 74 6.00 -2.79 -6.04
CA ARG C 74 5.94 -4.09 -6.69
C ARG C 74 7.15 -4.34 -7.57
N CYS C 75 7.78 -3.27 -8.07
CA CYS C 75 9.01 -3.41 -8.83
C CYS C 75 10.21 -3.50 -7.90
N SER C 76 11.01 -4.54 -8.07
CA SER C 76 12.15 -4.78 -7.21
C SER C 76 13.36 -5.16 -8.05
N GLY C 77 14.54 -4.79 -7.55
CA GLY C 77 15.76 -5.12 -8.23
C GLY C 77 16.15 -6.58 -8.05
N PHE C 78 17.06 -7.03 -8.91
CA PHE C 78 17.53 -8.41 -8.87
C PHE C 78 18.85 -8.49 -9.62
N ASN C 79 19.49 -9.65 -9.52
CA ASN C 79 20.78 -9.84 -10.17
C ASN C 79 20.65 -9.78 -11.69
N ASP C 80 21.75 -9.41 -12.35
CA ASP C 80 21.71 -9.25 -13.80
C ASP C 80 21.36 -10.55 -14.49
N ARG C 81 21.96 -11.66 -14.06
CA ARG C 81 21.74 -13.00 -14.58
C ARG C 81 22.34 -13.21 -15.97
N ASP C 82 22.93 -12.17 -16.57
CA ASP C 82 23.65 -12.29 -17.83
C ASP C 82 25.13 -12.00 -17.66
N ASN C 83 25.48 -10.87 -17.06
CA ASN C 83 26.84 -10.57 -16.63
C ASN C 83 26.79 -10.35 -15.12
N ARG C 84 27.40 -11.26 -14.36
CA ARG C 84 27.18 -11.30 -12.91
C ARG C 84 27.69 -10.04 -12.21
N ASP C 85 28.55 -9.25 -12.86
CA ASP C 85 29.07 -8.06 -12.21
C ASP C 85 27.97 -7.06 -11.88
N TRP C 86 27.01 -6.88 -12.78
CA TRP C 86 25.96 -5.88 -12.62
C TRP C 86 24.79 -6.44 -11.81
N VAL C 87 24.02 -5.52 -11.22
CA VAL C 87 22.72 -5.80 -10.64
C VAL C 87 21.74 -4.80 -11.23
N SER C 88 20.61 -5.28 -11.73
CA SER C 88 19.74 -4.46 -12.56
C SER C 88 18.28 -4.73 -12.24
N VAL C 89 17.43 -3.79 -12.65
CA VAL C 89 15.99 -3.90 -12.54
C VAL C 89 15.37 -3.56 -13.89
N VAL C 90 14.15 -4.05 -14.11
CA VAL C 90 13.46 -3.90 -15.39
C VAL C 90 12.15 -3.16 -15.16
N THR C 91 11.76 -2.35 -16.14
CA THR C 91 10.52 -1.58 -16.09
C THR C 91 9.87 -1.62 -17.47
N PRO C 92 8.61 -2.04 -17.59
CA PRO C 92 7.94 -1.95 -18.89
C PRO C 92 7.80 -0.50 -19.33
N ALA C 93 7.91 -0.29 -20.65
CA ALA C 93 7.88 1.06 -21.22
C ALA C 93 6.42 1.47 -21.48
N ARG C 94 5.69 1.64 -20.39
CA ARG C 94 4.31 2.09 -20.45
C ARG C 94 4.03 2.96 -19.23
N ASP C 95 2.83 3.54 -19.21
CA ASP C 95 2.40 4.41 -18.13
C ASP C 95 1.40 3.67 -17.26
N GLY C 96 1.68 3.61 -15.95
CA GLY C 96 0.81 2.97 -15.00
C GLY C 96 1.42 1.80 -14.27
N PRO C 97 2.12 0.91 -14.98
CA PRO C 97 2.83 -0.18 -14.28
C PRO C 97 4.24 0.23 -13.91
N CYS C 98 4.64 -0.21 -12.72
CA CYS C 98 5.98 0.04 -12.19
C CYS C 98 6.21 1.51 -11.86
N GLY C 99 5.15 2.31 -11.80
CA GLY C 99 5.27 3.69 -11.40
C GLY C 99 5.73 4.65 -12.47
N THR C 100 5.91 4.17 -13.70
CA THR C 100 6.41 5.03 -14.77
C THR C 100 5.30 5.96 -15.26
N VAL C 101 5.72 7.15 -15.71
CA VAL C 101 4.81 8.14 -16.27
C VAL C 101 5.22 8.41 -17.71
N LEU C 102 4.36 9.12 -18.43
CA LEU C 102 4.56 9.44 -19.83
C LEU C 102 4.66 10.96 -19.98
N THR C 103 5.83 11.45 -20.37
CA THR C 103 6.05 12.84 -20.70
C THR C 103 6.15 12.96 -22.21
N ARG C 104 5.23 13.73 -22.80
CA ARG C 104 5.11 13.82 -24.26
C ARG C 104 5.15 15.28 -24.68
N ASN C 105 5.90 15.56 -25.74
CA ASN C 105 5.87 16.85 -26.41
C ASN C 105 5.87 16.61 -27.91
N GLU C 106 5.73 17.69 -28.67
CA GLU C 106 5.48 17.57 -30.10
C GLU C 106 6.59 16.81 -30.81
N THR C 107 7.85 17.04 -30.42
CA THR C 107 8.97 16.41 -31.11
C THR C 107 8.93 14.89 -30.93
N HIS C 108 9.03 14.42 -29.69
CA HIS C 108 8.97 12.99 -29.42
C HIS C 108 8.69 12.77 -27.95
N ALA C 109 8.11 11.60 -27.66
CA ALA C 109 7.71 11.26 -26.30
C ALA C 109 8.91 10.85 -25.45
N THR C 110 8.69 10.78 -24.14
CA THR C 110 9.72 10.39 -23.20
C THR C 110 9.06 9.73 -22.00
N TYR C 111 9.73 8.72 -21.45
CA TYR C 111 9.27 8.02 -20.26
C TYR C 111 10.24 8.29 -19.12
N SER C 112 9.69 8.63 -17.96
CA SER C 112 10.48 9.01 -16.80
C SER C 112 10.04 8.21 -15.58
N ASN C 113 11.02 7.79 -14.78
CA ASN C 113 10.75 7.10 -13.54
C ASN C 113 11.93 7.30 -12.61
N THR C 114 11.69 7.07 -11.32
CA THR C 114 12.67 7.29 -10.27
C THR C 114 13.06 5.98 -9.63
N LEU C 115 14.34 5.83 -9.32
CA LEU C 115 14.88 4.64 -8.66
C LEU C 115 15.36 5.03 -7.26
N TYR C 116 14.97 4.24 -6.27
CA TYR C 116 15.33 4.47 -4.88
C TYR C 116 16.38 3.44 -4.46
N LEU C 117 17.44 3.92 -3.81
CA LEU C 117 18.55 3.08 -3.38
C LEU C 117 18.73 3.21 -1.88
N ALA C 118 18.99 2.08 -1.22
CA ALA C 118 19.23 2.08 0.21
C ALA C 118 19.95 0.79 0.59
N ASP C 119 20.60 0.82 1.75
CA ASP C 119 21.26 -0.37 2.28
C ASP C 119 20.27 -1.27 3.01
N GLU C 120 19.19 -0.71 3.54
CA GLU C 120 18.19 -1.47 4.27
C GLU C 120 16.83 -0.84 4.00
N ILE C 121 15.79 -1.38 4.64
CA ILE C 121 14.45 -0.85 4.46
C ILE C 121 14.37 0.61 4.89
N ILE C 122 14.98 0.93 6.02
CA ILE C 122 14.94 2.28 6.57
C ILE C 122 16.14 3.07 6.06
N ILE C 123 16.01 4.39 6.09
CA ILE C 123 17.08 5.32 5.70
C ILE C 123 17.46 6.14 6.93
N ARG C 124 18.76 6.25 7.18
CA ARG C 124 19.27 6.96 8.34
C ARG C 124 19.94 8.28 7.99
N ASP C 125 20.88 8.27 7.04
CA ASP C 125 21.70 9.43 6.74
C ASP C 125 21.37 10.02 5.37
N LEU C 126 21.46 9.23 4.30
CA LEU C 126 21.29 9.71 2.94
C LEU C 126 20.19 8.93 2.24
N ASN C 127 19.34 9.66 1.51
CA ASN C 127 18.26 9.08 0.71
C ASN C 127 18.54 9.44 -0.75
N ILE C 128 19.30 8.58 -1.43
CA ILE C 128 19.67 8.81 -2.82
C ILE C 128 18.60 8.16 -3.71
N LYS C 129 17.93 8.98 -4.51
CA LYS C 129 16.97 8.51 -5.49
C LYS C 129 17.44 8.93 -6.88
N ILE C 130 17.54 7.96 -7.78
CA ILE C 130 18.05 8.20 -9.13
C ILE C 130 16.87 8.52 -10.04
N ASN C 131 16.85 9.73 -10.59
CA ASN C 131 15.84 10.13 -11.56
C ASN C 131 16.37 9.84 -12.96
N PHE C 132 15.71 8.93 -13.66
CA PHE C 132 16.14 8.50 -14.99
C PHE C 132 14.96 8.53 -15.94
N ALA C 133 15.28 8.67 -17.22
CA ALA C 133 14.25 8.71 -18.26
C ALA C 133 14.85 8.28 -19.58
N CYS C 134 14.03 7.63 -20.41
CA CYS C 134 14.42 7.21 -21.75
C CYS C 134 13.61 8.00 -22.77
N SER C 135 14.29 8.46 -23.82
CA SER C 135 13.68 9.24 -24.88
C SER C 135 13.57 8.35 -26.12
N TYR C 136 12.35 8.15 -26.60
CA TYR C 136 12.08 7.35 -27.78
C TYR C 136 11.61 8.25 -28.91
N PRO C 137 12.30 8.35 -30.05
CA PRO C 137 11.83 9.22 -31.12
C PRO C 137 10.44 8.81 -31.60
N LEU C 138 9.63 9.80 -31.93
CA LEU C 138 8.27 9.58 -32.42
C LEU C 138 8.20 9.49 -33.93
N ASP C 139 9.23 9.96 -34.64
CA ASP C 139 9.36 9.82 -36.09
C ASP C 139 10.68 9.15 -36.39
N MET C 140 10.64 8.14 -37.26
CA MET C 140 11.83 7.37 -37.57
C MET C 140 11.75 6.85 -39.00
N LYS C 141 12.92 6.50 -39.53
CA LYS C 141 13.04 6.01 -40.90
C LYS C 141 12.95 4.49 -40.92
N VAL C 142 12.13 3.96 -41.81
CA VAL C 142 11.97 2.53 -41.99
C VAL C 142 12.14 2.20 -43.46
N SER C 143 12.91 1.13 -43.75
CA SER C 143 13.20 0.72 -45.11
C SER C 143 12.90 -0.77 -45.25
N LEU C 144 12.22 -1.13 -46.34
CA LEU C 144 11.95 -2.53 -46.64
C LEU C 144 13.21 -3.17 -47.20
N LYS C 145 13.64 -4.27 -46.57
CA LYS C 145 14.90 -4.90 -46.95
C LYS C 145 14.77 -5.64 -48.28
N THR C 146 13.66 -6.34 -48.48
CA THR C 146 13.48 -7.17 -49.67
C THR C 146 13.17 -6.30 -50.87
N ALA C 147 14.04 -6.35 -51.87
CA ALA C 147 13.80 -5.62 -53.12
C ALA C 147 12.85 -6.41 -54.00
N LEU C 148 12.39 -5.75 -55.08
CA LEU C 148 11.44 -6.31 -56.01
C LEU C 148 11.99 -6.27 -57.42
N GLN C 149 11.60 -7.25 -58.23
CA GLN C 149 12.05 -7.38 -59.62
C GLN C 149 10.82 -7.59 -60.50
N PRO C 150 10.06 -6.54 -60.77
CA PRO C 150 8.83 -6.70 -61.55
C PRO C 150 9.11 -7.12 -62.99
N MET C 151 8.13 -7.81 -63.57
CA MET C 151 8.19 -8.26 -64.96
C MET C 151 7.21 -7.47 -65.80
N VAL C 152 7.66 -7.06 -66.99
CA VAL C 152 6.84 -6.26 -67.91
C VAL C 152 7.04 -6.80 -69.32
N SER C 153 5.98 -6.78 -70.10
CA SER C 153 6.05 -7.15 -71.52
C SER C 153 6.56 -5.97 -72.31
C1 NAG D . -50.96 -1.92 30.29
C2 NAG D . -50.70 -0.67 31.14
C3 NAG D . -52.03 -0.04 31.53
C4 NAG D . -52.87 0.26 30.30
C5 NAG D . -53.01 -1.00 29.41
C6 NAG D . -53.62 -0.71 28.06
C7 NAG D . -50.29 -1.87 33.25
C8 NAG D . -49.35 -2.05 34.40
N2 NAG D . -49.92 -0.99 32.32
O3 NAG D . -51.78 1.16 32.25
O4 NAG D . -54.12 0.79 30.74
O5 NAG D . -51.72 -1.56 29.14
O6 NAG D . -54.76 -1.52 27.82
O7 NAG D . -51.34 -2.50 33.15
H2 NAG D . -50.21 -0.03 30.60
H3 NAG D . -52.53 -0.65 32.10
H4 NAG D . -52.42 0.94 29.77
H5 NAG D . -53.54 -1.68 29.87
H61 NAG D . -52.96 -0.90 27.37
H62 NAG D . -53.87 0.23 28.02
H81 NAG D . -49.26 -1.22 34.88
H82 NAG D . -49.71 -2.74 35.00
H83 NAG D . -48.49 -2.34 34.07
HN2 NAG D . -49.12 -0.54 32.44
HO3 NAG D . -51.37 0.98 33.01
HO6 NAG D . -55.19 -1.22 27.10
C1 NAG D . -55.35 0.15 30.33
C2 NAG D . -56.21 -0.19 31.54
C3 NAG D . -57.54 -0.79 31.09
C4 NAG D . -58.23 0.12 30.08
C5 NAG D . -57.28 0.44 28.93
C6 NAG D . -57.86 1.44 27.96
C7 NAG D . -55.92 -1.35 33.68
C8 NAG D . -55.09 -2.33 34.47
N2 NAG D . -55.52 -1.10 32.43
O3 NAG D . -58.39 -0.99 32.22
O4 NAG D . -59.40 -0.51 29.57
O5 NAG D . -56.07 1.02 29.45
O6 NAG D . -58.49 0.79 26.86
O7 NAG D . -56.92 -0.82 34.16
H2 NAG D . -56.40 0.64 32.03
H3 NAG D . -57.38 -1.65 30.68
H4 NAG D . -58.49 0.96 30.53
H5 NAG D . -57.06 -0.38 28.46
H61 NAG D . -57.13 2.01 27.62
H62 NAG D . -58.51 2.01 28.42
H81 NAG D . -55.47 -2.43 35.36
H82 NAG D . -54.17 -1.99 34.53
H83 NAG D . -55.09 -3.19 34.01
HN2 NAG D . -54.77 -1.53 32.13
HO3 NAG D . -58.93 -1.67 32.08
HO4 NAG D . -59.36 -1.38 29.75
HO6 NAG D . -57.90 0.29 26.44
C1 NAG E . -11.72 -17.40 29.06
C2 NAG E . -11.89 -18.27 27.83
C3 NAG E . -12.58 -17.47 26.73
C4 NAG E . -13.92 -16.94 27.25
C5 NAG E . -13.73 -16.18 28.57
C6 NAG E . -15.05 -15.81 29.23
C7 NAG E . -10.10 -19.94 27.79
C8 NAG E . -8.79 -20.34 27.20
N2 NAG E . -10.62 -18.78 27.36
O3 NAG E . -12.80 -18.29 25.59
O4 NAG E . -14.49 -16.08 26.28
O5 NAG E . -13.00 -16.97 29.52
O6 NAG E . -15.59 -14.62 28.67
O7 NAG E . -10.68 -20.64 28.62
H2 NAG E . -12.47 -19.02 28.06
H3 NAG E . -12.02 -16.71 26.50
H4 NAG E . -14.52 -17.71 27.41
H5 NAG E . -13.23 -15.37 28.39
H61 NAG E . -14.89 -15.68 30.19
H62 NAG E . -15.68 -16.55 29.10
H81 NAG E . -8.47 -21.16 27.64
H82 NAG E . -8.14 -19.64 27.35
H83 NAG E . -8.89 -20.50 26.25
HN2 NAG E . -10.15 -18.31 26.74
HO3 NAG E . -13.18 -17.80 24.95
HO6 NAG E . -16.47 -14.73 28.55
C1 NAG E . -15.93 -16.23 26.23
C2 NAG E . -16.47 -15.28 25.16
C3 NAG E . -17.98 -15.40 25.07
C4 NAG E . -18.38 -16.85 24.83
C5 NAG E . -17.76 -17.76 25.89
C6 NAG E . -18.00 -19.23 25.63
C7 NAG E . -16.01 -12.96 24.49
C8 NAG E . -15.60 -11.60 24.95
N2 NAG E . -16.09 -13.91 25.44
O3 NAG E . -18.47 -14.58 24.01
O4 NAG E . -19.80 -16.99 24.87
O5 NAG E . -16.33 -17.58 25.91
O6 NAG E . -17.75 -19.56 24.28
O7 NAG E . -16.28 -13.21 23.32
H2 NAG E . -16.10 -15.54 24.30
H3 NAG E . -18.39 -15.10 25.91
H4 NAG E . -18.06 -17.12 23.95
H5 NAG E . -18.12 -17.52 26.77
H61 NAG E . -18.93 -19.43 25.85
H62 NAG E . -17.41 -19.75 26.20
H81 NAG E . -15.40 -11.04 24.17
H82 NAG E . -14.80 -11.67 25.50
H83 NAG E . -16.32 -11.19 25.46
HN2 NAG E . -15.87 -13.67 26.30
HO3 NAG E . -19.36 -14.60 24.00
HO6 NAG E . -18.35 -20.16 24.00
C1 BMA E . -20.19 -17.78 23.73
C2 BMA E . -21.37 -18.70 24.12
C3 BMA E . -21.72 -19.57 22.92
C4 BMA E . -21.94 -18.71 21.65
C5 BMA E . -20.77 -17.73 21.46
C6 BMA E . -20.98 -16.79 20.29
O2 BMA E . -22.53 -17.93 24.39
O3 BMA E . -22.86 -20.38 23.16
O4 BMA E . -22.05 -19.56 20.53
O5 BMA E . -20.57 -16.97 22.64
O6 BMA E . -22.14 -15.97 20.47
H2 BMA E . -21.09 -19.32 24.99
H3 BMA E . -20.89 -20.26 22.72
H4 BMA E . -22.86 -18.12 21.80
H5 BMA E . -19.85 -18.32 21.24
H61 BMA E . -21.10 -17.40 19.44
H62 BMA E . -20.06 -16.19 20.17
HO2 BMA E . -22.40 -17.53 25.27
HO4 BMA E . -22.11 -20.46 20.88
C1 MAN E . -22.88 -15.97 19.22
C2 MAN E . -22.12 -15.07 18.17
C3 MAN E . -22.21 -13.64 18.59
C4 MAN E . -23.67 -13.21 18.78
C5 MAN E . -24.37 -14.14 19.83
C6 MAN E . -25.86 -13.89 19.93
O2 MAN E . -22.70 -15.09 16.83
O3 MAN E . -21.58 -12.77 17.64
O4 MAN E . -23.74 -11.83 19.16
O5 MAN E . -24.22 -15.51 19.42
O6 MAN E . -26.39 -14.77 20.90
H2 MAN E . -21.07 -15.37 18.12
H3 MAN E . -21.68 -13.53 19.53
H4 MAN E . -24.19 -13.38 17.82
H5 MAN E . -23.92 -14.02 20.81
H61 MAN E . -26.30 -14.05 18.94
H62 MAN E . -26.00 -12.84 20.21
HO3 MAN E . -21.71 -13.22 16.78
HO6 MAN E . -25.83 -15.57 20.90
C1 NAG E . -23.08 -16.39 16.29
C2 NAG E . -22.00 -17.47 16.52
C3 NAG E . -22.50 -18.84 16.07
C4 NAG E . -23.84 -19.16 16.72
C5 NAG E . -24.82 -18.04 16.37
C6 NAG E . -26.21 -18.24 16.93
C7 NAG E . -19.51 -17.44 16.18
C8 NAG E . -19.34 -18.26 17.46
N2 NAG E . -20.77 -17.12 15.81
O3 NAG E . -21.54 -19.84 16.38
O4 NAG E . -24.32 -20.42 16.29
O5 NAG E . -24.33 -16.81 16.90
O6 NAG E . -26.22 -18.12 18.35
O7 NAG E . -18.54 -17.08 15.53
H2 NAG E . -21.87 -17.55 17.48
H3 NAG E . -22.62 -18.83 15.09
H4 NAG E . -23.67 -19.13 17.68
H5 NAG E . -24.88 -17.98 15.39
H61 NAG E . -26.58 -19.10 16.68
H62 NAG E . -26.79 -17.54 16.57
H81 NAG E . -18.85 -17.74 18.11
H82 NAG E . -18.81 -19.05 17.23
H83 NAG E . -20.15 -18.58 17.88
HN2 NAG E . -20.86 -16.62 15.06
HO3 NAG E . -21.96 -20.60 16.58
HO6 NAG E . -25.82 -17.36 18.58
C1 GAL E . -25.12 -21.16 17.27
C2 GAL E . -24.76 -22.68 17.17
C3 GAL E . -25.48 -23.49 18.25
C4 GAL E . -25.13 -22.91 19.62
C5 GAL E . -25.59 -21.47 19.65
C6 GAL E . -25.27 -20.73 20.94
O2 GAL E . -25.15 -23.24 15.92
O3 GAL E . -25.06 -24.84 18.24
O4 GAL E . -23.73 -22.96 19.84
O5 GAL E . -24.95 -20.70 18.62
O6 GAL E . -25.49 -19.33 20.80
H2 GAL E . -23.68 -22.77 17.32
H3 GAL E . -26.57 -23.41 18.08
H4 GAL E . -25.68 -23.47 20.39
H5 GAL E . -26.68 -21.45 19.48
H61 GAL E . -24.21 -20.85 21.17
H62 GAL E . -25.86 -21.15 21.75
HO2 GAL E . -24.98 -22.57 15.24
HO3 GAL E . -24.91 -25.08 17.31
HO4 GAL E . -23.60 -23.69 20.46
HO6 GAL E . -25.68 -19.18 19.86
C1 NAG E . -23.31 -11.56 20.50
C2 NAG E . -22.32 -10.38 20.48
C3 NAG E . -22.10 -9.75 21.87
C4 NAG E . -23.33 -9.75 22.75
C5 NAG E . -24.05 -11.09 22.64
C6 NAG E . -25.32 -11.16 23.46
C7 NAG E . -19.99 -10.02 19.73
C8 NAG E . -18.76 -10.69 19.18
N2 NAG E . -21.05 -10.82 19.92
O3 NAG E . -21.66 -8.41 21.67
O4 NAG E . -22.97 -9.55 24.11
O5 NAG E . -24.41 -11.26 21.27
O6 NAG E . -25.86 -12.49 23.43
O7 NAG E . -20.02 -8.83 19.98
H2 NAG E . -22.68 -9.69 19.89
H3 NAG E . -21.38 -10.24 22.33
H4 NAG E . -23.94 -9.04 22.47
H5 NAG E . -23.44 -11.80 22.90
H61 NAG E . -25.98 -10.55 23.09
H62 NAG E . -25.13 -10.93 24.38
H81 NAG E . -18.08 -10.03 19.02
H82 NAG E . -18.99 -11.14 18.35
H83 NAG E . -18.43 -11.34 19.83
HN2 NAG E . -20.94 -11.70 19.73
HO3 NAG E . -21.53 -8.02 22.47
HO4 NAG E . -23.59 -9.07 24.52
HO6 NAG E . -26.49 -12.56 24.05
C1 MAN E . -22.40 -21.66 23.66
C2 MAN E . -23.51 -22.70 23.46
C3 MAN E . -24.73 -22.29 24.30
C4 MAN E . -24.33 -22.15 25.78
C5 MAN E . -23.18 -21.14 25.90
C6 MAN E . -22.65 -21.04 27.32
O2 MAN E . -23.07 -23.93 24.02
O3 MAN E . -25.82 -23.19 24.16
O4 MAN E . -25.43 -21.69 26.57
O5 MAN E . -22.08 -21.54 25.04
O6 MAN E . -21.49 -20.22 27.31
H2 MAN E . -23.77 -22.79 22.40
H3 MAN E . -25.10 -21.32 23.94
H4 MAN E . -23.97 -23.12 26.13
H5 MAN E . -23.54 -20.15 25.61
H61 MAN E . -22.43 -22.06 27.68
H62 MAN E . -23.44 -20.61 27.94
HO3 MAN E . -25.65 -23.91 24.79
HO6 MAN E . -21.78 -19.30 27.33
C1 NAG E . -22.85 -25.11 23.19
C2 NAG E . -24.01 -26.02 23.61
C3 NAG E . -23.95 -27.36 22.85
C4 NAG E . -23.75 -27.14 21.35
C5 NAG E . -22.57 -26.22 21.12
C6 NAG E . -22.25 -25.97 19.67
C7 NAG E . -24.93 -26.79 25.76
C8 NAG E . -24.66 -26.91 27.23
N2 NAG E . -23.95 -26.24 25.04
O3 NAG E . -25.16 -28.07 23.07
O4 NAG E . -23.53 -28.38 20.70
O5 NAG E . -22.84 -24.96 21.75
O6 NAG E . -20.91 -25.48 19.51
O7 NAG E . -25.98 -27.17 25.26
H2 NAG E . -24.86 -25.58 23.39
H3 NAG E . -23.21 -27.89 23.19
H4 NAG E . -24.56 -26.73 20.97
H5 NAG E . -21.80 -26.67 21.51
H61 NAG E . -22.87 -25.32 19.30
H62 NAG E . -22.33 -26.81 19.18
H81 NAG E . -24.59 -26.02 27.61
H82 NAG E . -23.82 -27.39 27.37
H83 NAG E . -25.39 -27.39 27.67
HN2 NAG E . -23.20 -25.98 25.47
HO3 NAG E . -25.12 -28.87 22.69
HO4 NAG E . -23.79 -28.33 19.86
HO6 NAG E . -20.65 -25.64 18.68
C1 NAG E . -26.01 -22.83 27.26
C2 NAG E . -26.68 -22.38 28.56
C3 NAG E . -27.35 -23.56 29.25
C4 NAG E . -28.32 -24.24 28.29
C5 NAG E . -27.61 -24.64 27.01
C6 NAG E . -28.54 -25.18 25.96
C7 NAG E . -24.66 -22.06 30.03
C8 NAG E . -24.20 -23.46 29.72
N2 NAG E . -25.80 -21.65 29.47
O3 NAG E . -28.04 -23.12 30.42
O4 NAG E . -28.89 -25.40 28.90
O5 NAG E . -26.97 -23.49 26.42
O6 NAG E . -27.90 -25.31 24.70
O7 NAG E . -24.02 -21.34 30.78
H2 NAG E . -27.41 -21.78 28.31
H3 NAG E . -26.70 -24.25 29.50
H4 NAG E . -29.04 -23.61 28.08
H5 NAG E . -26.94 -25.30 27.21
H61 NAG E . -29.31 -24.58 25.86
H62 NAG E . -28.87 -26.06 26.24
H81 NAG E . -24.15 -23.64 28.76
H82 NAG E . -24.75 -24.13 30.17
H83 NAG E . -23.29 -23.56 30.08
HN2 NAG E . -26.06 -20.80 29.67
HO3 NAG E . -28.58 -23.76 30.70
HO4 NAG E . -29.73 -25.47 28.66
HO6 NAG E . -27.79 -26.17 24.51
C1 NAG F . 41.09 -1.31 -3.14
C2 NAG F . 40.44 -2.67 -2.91
C3 NAG F . 41.25 -3.47 -1.90
C4 NAG F . 42.70 -3.59 -2.35
C5 NAG F . 43.29 -2.20 -2.66
C6 NAG F . 44.64 -2.26 -3.35
C7 NAG F . 38.70 -1.87 -1.36
C8 NAG F . 37.24 -1.84 -1.06
N2 NAG F . 39.06 -2.54 -2.47
O3 NAG F . 40.68 -4.77 -1.76
O4 NAG F . 43.42 -4.29 -1.33
O5 NAG F . 42.44 -1.50 -3.58
O6 NAG F . 45.62 -1.52 -2.64
O7 NAG F . 39.53 -1.32 -0.64
H2 NAG F . 40.45 -3.16 -3.76
H3 NAG F . 41.23 -3.02 -1.04
H4 NAG F . 42.74 -4.12 -3.16
H5 NAG F . 43.35 -1.67 -1.85
H61 NAG F . 44.56 -1.90 -4.25
H62 NAG F . 44.92 -3.20 -3.41
H81 NAG F . 36.92 -2.76 -0.94
H82 NAG F . 37.09 -1.33 -0.24
H83 NAG F . 36.77 -1.41 -1.80
HN2 NAG F . 38.41 -2.93 -2.97
HO3 NAG F . 39.81 -4.70 -1.59
HO6 NAG F . 45.42 -1.51 -1.78
C1 NAG F . 44.58 -3.68 -0.73
C2 NAG F . 44.45 -3.65 0.79
C3 NAG F . 45.72 -3.09 1.43
C4 NAG F . 46.94 -3.84 0.93
C5 NAG F . 46.98 -3.85 -0.60
C6 NAG F . 48.09 -4.69 -1.16
C7 NAG F . 42.79 -2.90 2.44
C8 NAG F . 41.59 -2.05 2.68
N2 NAG F . 43.29 -2.88 1.20
O3 NAG F . 45.64 -3.19 2.84
O4 NAG F . 48.13 -3.21 1.41
O5 NAG F . 45.75 -4.42 -1.10
O6 NAG F . 49.24 -3.90 -1.45
O7 NAG F . 43.28 -3.61 3.33
H2 NAG F . 44.33 -4.57 1.11
H3 NAG F . 45.80 -2.15 1.18
H4 NAG F . 46.91 -4.76 1.26
H5 NAG F . 47.07 -2.94 -0.92
H61 NAG F . 47.80 -5.12 -1.99
H62 NAG F . 48.34 -5.38 -0.51
H81 NAG F . 40.88 -2.28 2.05
H82 NAG F . 41.83 -1.11 2.56
H83 NAG F . 41.27 -2.18 3.60
HN2 NAG F . 42.88 -2.34 0.58
HO3 NAG F . 46.45 -3.25 3.18
HO4 NAG F . 48.83 -3.72 1.21
HO6 NAG F . 49.62 -4.17 -2.20
C1 NAG G . 10.74 17.13 -25.91
C2 NAG G . 11.65 18.12 -26.60
C3 NAG G . 12.87 17.40 -27.13
C4 NAG G . 13.58 16.66 -26.00
C5 NAG G . 12.59 15.78 -25.20
C6 NAG G . 13.20 15.25 -23.92
C7 NAG G . 10.28 19.97 -27.42
C8 NAG G . 9.63 20.60 -28.62
N2 NAG G . 10.96 18.85 -27.65
O3 NAG G . 13.77 18.32 -27.75
O4 NAG G . 14.60 15.83 -26.55
O5 NAG G . 11.43 16.54 -24.81
O6 NAG G . 13.98 14.08 -24.16
O7 NAG G . 10.18 20.46 -26.29
H2 NAG G . 11.97 18.77 -25.92
H3 NAG G . 12.58 16.75 -27.80
H4 NAG G . 13.96 17.33 -25.40
H5 NAG G . 12.31 15.04 -25.76
H61 NAG G . 12.49 15.04 -23.29
H62 NAG G . 13.78 15.94 -23.53
H81 NAG G . 9.13 21.39 -28.34
H82 NAG G . 9.01 19.97 -29.02
H83 NAG G . 10.31 20.85 -29.27
HN2 NAG G . 11.01 18.53 -28.50
HO3 NAG G . 14.42 17.88 -28.14
HO6 NAG G . 14.74 14.14 -23.70
C1 NAG G . 15.78 15.80 -25.70
C2 NAG G . 16.87 15.01 -26.41
C3 NAG G . 18.12 14.98 -25.54
C4 NAG G . 18.56 16.39 -25.19
C5 NAG G . 17.41 17.19 -24.58
C6 NAG G . 17.71 18.66 -24.40
C7 NAG G . 16.93 12.97 -27.77
C8 NAG G . 16.37 11.59 -27.96
N2 NAG G . 16.44 13.66 -26.73
O3 NAG G . 19.17 14.29 -26.23
O4 NAG G . 19.65 16.33 -24.27
O5 NAG G . 16.25 17.13 -25.44
O6 NAG G . 18.25 19.21 -25.60
O7 NAG G . 17.78 13.45 -28.52
H2 NAG G . 17.10 15.47 -27.24
H3 NAG G . 17.93 14.49 -24.72
H4 NAG G . 18.86 16.84 -26.01
H5 NAG G . 17.18 16.80 -23.72
H61 NAG G . 18.36 18.77 -23.68
H62 NAG G . 16.89 19.13 -24.18
H81 NAG G . 15.40 11.63 -27.92
H82 NAG G . 16.71 11.01 -27.25
H83 NAG G . 16.66 11.26 -28.83
HN2 NAG G . 15.81 13.27 -26.20
HO3 NAG G . 19.89 14.25 -25.71
HO6 NAG G . 18.85 19.83 -25.40
C1 BMA G . 20.54 17.44 -24.57
C2 BMA G . 21.13 17.96 -23.24
C3 BMA G . 21.90 19.22 -23.57
C4 BMA G . 22.96 18.95 -24.65
C5 BMA G . 22.32 18.25 -25.89
C6 BMA G . 23.34 17.82 -26.95
O2 BMA G . 22.05 17.03 -22.69
O3 BMA G . 22.48 19.81 -22.40
O4 BMA G . 23.55 20.17 -25.06
O5 BMA G . 21.61 17.08 -25.44
O6 BMA G . 23.76 16.49 -26.68
H2 BMA G . 20.31 18.17 -22.54
H3 BMA G . 21.20 19.97 -23.97
H4 BMA G . 23.70 18.29 -24.20
H5 BMA G . 21.61 18.95 -26.36
H61 BMA G . 24.17 18.53 -26.92
H62 BMA G . 22.84 17.91 -27.93
HO2 BMA G . 21.87 16.18 -23.13
HO4 BMA G . 23.86 20.59 -24.23
C1 MAN G . 21.74 21.01 -22.17
C2 MAN G . 22.50 21.91 -21.19
C3 MAN G . 22.52 21.23 -19.79
C4 MAN G . 21.07 20.93 -19.32
C5 MAN G . 20.39 20.05 -20.37
C6 MAN G . 18.94 19.78 -20.02
O2 MAN G . 21.74 23.09 -21.00
O3 MAN G . 23.21 22.00 -18.82
O4 MAN G . 21.05 20.23 -18.07
O5 MAN G . 20.44 20.71 -21.67
O6 MAN G . 18.37 19.00 -21.06
H2 MAN G . 23.52 22.11 -21.54
H3 MAN G . 23.06 20.28 -19.87
H4 MAN G . 20.53 21.88 -19.25
H5 MAN G . 20.92 19.09 -20.42
H61 MAN G . 18.42 20.75 -19.90
H62 MAN G . 18.93 19.26 -19.05
HO3 MAN G . 22.55 22.61 -18.46
HO6 MAN G . 18.51 18.07 -20.84
C1 NAG G . 22.18 24.38 -21.53
C2 NAG G . 22.63 25.08 -20.23
C3 NAG G . 23.09 26.51 -20.51
C4 NAG G . 24.09 26.55 -21.67
C5 NAG G . 23.50 25.81 -22.87
C6 NAG G . 24.38 25.84 -24.11
C7 NAG G . 21.65 25.32 -17.98
C8 NAG G . 20.38 25.25 -17.20
N2 NAG G . 21.52 25.08 -19.30
O3 NAG G . 23.70 27.05 -19.35
O4 NAG G . 24.37 27.90 -22.02
O5 NAG G . 23.27 24.44 -22.51
O6 NAG G . 25.32 24.78 -24.14
O7 NAG G . 22.73 25.59 -17.47
H2 NAG G . 23.38 24.59 -19.85
H3 NAG G . 22.32 27.05 -20.75
H4 NAG G . 24.92 26.11 -21.40
H5 NAG G . 22.68 26.28 -23.10
H61 NAG G . 24.85 26.71 -24.14
H62 NAG G . 23.81 25.79 -24.89
H81 NAG G . 20.07 24.32 -17.18
H82 NAG G . 19.70 25.80 -17.63
H83 NAG G . 20.53 25.57 -16.28
HN2 NAG G . 20.70 24.87 -19.62
HO3 NAG G . 23.91 27.91 -19.49
HO4 NAG G . 25.19 27.95 -22.35
HO6 NAG G . 25.68 24.75 -24.96
C1 NAG G . 20.84 21.09 -16.95
C2 NAG G . 20.09 20.33 -15.85
C3 NAG G . 19.99 21.17 -14.56
C4 NAG G . 21.36 21.68 -14.15
C5 NAG G . 21.99 22.43 -15.32
C6 NAG G . 23.40 22.90 -15.01
C7 NAG G . 17.77 20.53 -16.82
C8 NAG G . 17.99 22.00 -17.09
N2 NAG G . 18.78 19.83 -16.26
O3 NAG G . 19.46 20.35 -13.52
O4 NAG G . 21.23 22.56 -13.04
O5 NAG G . 22.09 21.57 -16.46
O6 NAG G . 23.99 23.52 -16.15
O7 NAG G . 16.72 19.99 -17.12
H2 NAG G . 20.64 19.56 -15.62
H3 NAG G . 19.40 21.94 -14.67
H4 NAG G . 21.92 20.93 -13.91
H5 NAG G . 21.44 23.21 -15.54
H61 NAG G . 23.93 22.13 -14.76
H62 NAG G . 23.37 23.54 -14.28
H81 NAG G . 18.59 22.12 -17.85
H82 NAG G . 18.36 22.47 -16.31
H83 NAG G . 17.14 22.40 -17.29
HN2 NAG G . 18.62 18.95 -16.11
HO3 NAG G . 19.55 20.77 -12.75
HO4 NAG G . 21.91 22.43 -12.48
HO6 NAG G . 24.37 24.29 -15.91
C1 MAN G . 24.90 16.59 -25.78
C2 MAN G . 26.16 16.14 -26.55
C3 MAN G . 26.17 14.63 -26.73
C4 MAN G . 25.98 13.91 -25.38
C5 MAN G . 24.65 14.38 -24.71
C6 MAN G . 24.44 13.90 -23.28
O2 MAN G . 27.35 16.45 -25.80
O3 MAN G . 27.37 14.19 -27.35
O4 MAN G . 26.08 12.49 -25.65
O5 MAN G . 24.66 15.82 -24.60
O6 MAN G . 23.20 14.41 -22.82
H2 MAN G . 26.17 16.63 -27.53
H3 MAN G . 25.35 14.35 -27.40
H4 MAN G . 26.80 14.22 -24.73
H5 MAN G . 23.80 14.07 -25.32
H61 MAN G . 25.28 14.28 -22.67
H62 MAN G . 24.46 12.82 -23.23
HO2 MAN G . 28.04 15.81 -26.05
HO3 MAN G . 27.61 13.36 -26.91
HO6 MAN G . 23.03 14.05 -21.94
C1 NAG G . 24.92 11.66 -25.51
C2 NAG G . 24.72 10.81 -26.78
C3 NAG G . 23.61 9.77 -26.59
C4 NAG G . 23.85 8.96 -25.32
C5 NAG G . 23.99 9.92 -24.14
C6 NAG G . 24.28 9.20 -22.84
C7 NAG G . 23.48 12.43 -28.25
C8 NAG G . 22.38 12.55 -27.23
N2 NAG G . 24.51 11.62 -27.98
O3 NAG G . 23.58 8.90 -27.71
O4 NAG G . 22.74 8.09 -25.09
O5 NAG G . 25.09 10.81 -24.38
O6 NAG G . 24.19 10.08 -21.73
O7 NAG G . 23.43 13.06 -29.30
H2 NAG G . 25.55 10.31 -26.91
H3 NAG G . 22.74 10.19 -26.49
H4 NAG G . 24.66 8.44 -25.42
H5 NAG G . 23.17 10.43 -24.04
H61 NAG G . 25.19 8.84 -22.88
H62 NAG G . 23.65 8.47 -22.73
H81 NAG G . 21.97 13.43 -27.32
H82 NAG G . 22.68 12.44 -26.31
H83 NAG G . 21.69 11.89 -27.43
HN2 NAG G . 25.16 11.56 -28.62
HO3 NAG G . 23.66 8.06 -27.45
HO4 NAG G . 22.30 7.95 -25.84
HO6 NAG G . 24.39 9.64 -20.99
C1 NAG H . 22.31 8.52 -51.11
C2 NAG H . 23.73 8.37 -50.57
C3 NAG H . 24.24 9.71 -50.02
C4 NAG H . 24.08 10.80 -51.06
C5 NAG H . 22.65 10.85 -51.58
C6 NAG H . 22.45 11.83 -52.70
C7 NAG H . 24.05 6.06 -49.83
C8 NAG H . 24.09 5.12 -48.66
N2 NAG H . 23.82 7.34 -49.55
O3 NAG H . 25.59 9.59 -49.63
O4 NAG H . 24.41 12.07 -50.49
O5 NAG H . 22.27 9.57 -52.08
O6 NAG H . 22.15 11.18 -53.92
O7 NAG H . 24.23 5.67 -50.99
H2 NAG H . 24.32 8.13 -51.31
H3 NAG H . 23.70 9.94 -49.23
H4 NAG H . 24.68 10.62 -51.80
H5 NAG H . 22.05 11.09 -50.84
H61 NAG H . 23.28 12.35 -52.82
H62 NAG H . 21.72 12.45 -52.48
H81 NAG H . 24.28 4.21 -48.98
H82 NAG H . 23.24 5.14 -48.20
H83 NAG H . 24.80 5.40 -48.06
HN2 NAG H . 23.69 7.58 -48.68
HO3 NAG H . 26.12 9.75 -50.33
HO4 NAG H . 24.61 12.64 -51.13
HO6 NAG H . 21.96 10.32 -53.75
C1 NAG I . -5.38 -3.13 4.68
C2 NAG I . -6.82 -2.99 4.21
C3 NAG I . -7.46 -4.37 4.05
C4 NAG I . -6.59 -5.24 3.14
C5 NAG I . -5.16 -5.28 3.65
C6 NAG I . -4.22 -6.02 2.72
C7 NAG I . -7.70 -0.85 5.04
C8 NAG I . -8.54 -0.18 6.08
N2 NAG I . -7.60 -2.18 5.15
O3 NAG I . -8.76 -4.23 3.50
O4 NAG I . -7.11 -6.57 3.10
O5 NAG I . -4.65 -3.94 3.76
O6 NAG I . -3.27 -5.15 2.13
O7 NAG I . -7.15 -0.22 4.14
H2 NAG I . -6.83 -2.55 3.34
H3 NAG I . -7.52 -4.79 4.93
H4 NAG I . -6.61 -4.87 2.24
H5 NAG I . -5.15 -5.70 4.53
H61 NAG I . -4.75 -6.44 2.01
H62 NAG I . -3.76 -6.71 3.22
H81 NAG I . -8.55 0.79 5.92
H82 NAG I . -8.18 -0.36 6.96
H83 NAG I . -9.46 -0.52 6.03
HN2 NAG I . -8.04 -2.60 5.82
HO3 NAG I . -8.73 -4.35 2.63
HO4 NAG I . -7.26 -6.80 2.27
HO6 NAG I . -3.68 -4.40 1.86
#